data_5MZE
#
_entry.id   5MZE
#
_cell.length_a   58.532
_cell.length_b   139.245
_cell.length_c   58.718
_cell.angle_alpha   90.00
_cell.angle_beta   107.53
_cell.angle_gamma   90.00
#
_symmetry.space_group_name_H-M   'P 1 21 1'
#
loop_
_entity.id
_entity.type
_entity.pdbx_description
1 polymer '7,8-dihydro-8-oxoguanine triphosphatase'
2 non-polymer 'COPPER (II) ION'
3 non-polymer DI(HYDROXYETHYL)ETHER
4 non-polymer "8-OXO-2'-DEOXYGUANOSINE-5'-TRIPHOSPHATE"
5 non-polymer GLYCEROL
6 water water
#
_entity_poly.entity_id   1
_entity_poly.type   'polypeptide(L)'
_entity_poly.pdbx_seq_one_letter_code
;MGSSHHHHHHSSGLVPRGSHMSTSRLYTLVLVLQPQRVLLGMKKRGFGAGRWNGFGGKVQEGETIEDGAKRELLEESGLS
VDTLHKVGHISFEFVGSPELMDVHIFSADHVHGTPTESEEMRPQWFQLDQIPFADLWPDDSYWFPLLLQKKKFCGHFKFQ
DQDTILSYSLREVDSF
;
_entity_poly.pdbx_strand_id   A,B,C,D
#
loop_
_chem_comp.id
_chem_comp.type
_chem_comp.name
_chem_comp.formula
8DG non-polymer 8-OXO-2'-DEOXYGUANOSINE-5'-TRIPHOSPHATE 'C10 H16 N5 O14 P3'
CU non-polymer 'COPPER (II) ION' 'Cu 2'
GOL non-polymer GLYCEROL 'C3 H8 O3'
PEG non-polymer DI(HYDROXYETHYL)ETHER 'C4 H10 O3'
#
# COMPACT_ATOMS: atom_id res chain seq x y z
N SER A 24 -30.78 -2.62 -7.46
CA SER A 24 -30.06 -3.61 -6.62
C SER A 24 -29.71 -4.85 -7.46
N ARG A 25 -28.59 -5.49 -7.13
CA ARG A 25 -28.09 -6.67 -7.84
C ARG A 25 -27.75 -7.78 -6.84
N LEU A 26 -28.10 -9.02 -7.18
CA LEU A 26 -27.87 -10.13 -6.28
C LEU A 26 -26.43 -10.62 -6.38
N TYR A 27 -25.80 -10.81 -5.22
CA TYR A 27 -24.49 -11.45 -5.12
C TYR A 27 -24.45 -12.48 -4.02
N THR A 28 -23.44 -13.32 -4.13
CA THR A 28 -23.18 -14.32 -3.15
C THR A 28 -21.77 -14.19 -2.59
N LEU A 29 -21.60 -14.75 -1.41
CA LEU A 29 -20.35 -14.79 -0.70
C LEU A 29 -20.40 -16.02 0.16
N VAL A 30 -19.39 -16.86 0.01
CA VAL A 30 -19.33 -18.16 0.67
C VAL A 30 -18.08 -18.27 1.52
N LEU A 31 -18.21 -18.51 2.83
CA LEU A 31 -17.03 -18.65 3.68
C LEU A 31 -16.79 -20.12 3.96
N VAL A 32 -15.58 -20.57 3.67
CA VAL A 32 -15.24 -21.97 3.77
C VAL A 32 -14.63 -22.19 5.15
N LEU A 33 -15.41 -22.77 6.06
CA LEU A 33 -15.04 -22.78 7.46
C LEU A 33 -14.83 -24.21 7.97
N GLN A 34 -13.72 -24.35 8.68
CA GLN A 34 -13.43 -25.57 9.37
C GLN A 34 -13.29 -25.15 10.84
N PRO A 35 -13.34 -26.12 11.75
CA PRO A 35 -13.48 -25.78 13.18
C PRO A 35 -12.55 -24.62 13.68
N GLN A 36 -11.29 -24.58 13.21
CA GLN A 36 -10.34 -23.54 13.63
C GLN A 36 -9.64 -22.76 12.53
N ARG A 37 -10.18 -22.81 11.32
CA ARG A 37 -9.59 -22.10 10.22
C ARG A 37 -10.62 -21.87 9.13
N VAL A 38 -10.28 -20.94 8.25
CA VAL A 38 -11.11 -20.51 7.14
C VAL A 38 -10.22 -20.49 5.89
N LEU A 39 -10.77 -20.92 4.76
CA LEU A 39 -10.10 -20.82 3.47
C LEU A 39 -10.65 -19.61 2.80
N LEU A 40 -9.83 -18.55 2.74
CA LEU A 40 -10.15 -17.35 1.99
C LEU A 40 -9.52 -17.41 0.62
N GLY A 41 -9.88 -16.44 -0.19
CA GLY A 41 -9.28 -16.32 -1.52
C GLY A 41 -8.72 -14.93 -1.74
N MET A 42 -7.51 -14.87 -2.30
CA MET A 42 -6.94 -13.62 -2.71
C MET A 42 -7.48 -13.31 -4.10
N LYS A 43 -8.27 -12.23 -4.16
CA LYS A 43 -8.91 -11.80 -5.39
C LYS A 43 -7.82 -11.21 -6.28
N LYS A 44 -7.62 -11.82 -7.44
CA LYS A 44 -6.48 -11.50 -8.28
C LYS A 44 -6.79 -10.47 -9.35
N ARG A 45 -8.08 -10.22 -9.58
CA ARG A 45 -8.56 -9.35 -10.64
C ARG A 45 -9.95 -8.96 -10.24
N GLY A 46 -10.41 -7.82 -10.76
CA GLY A 46 -11.79 -7.40 -10.61
C GLY A 46 -12.08 -6.62 -9.34
N PHE A 47 -13.35 -6.65 -8.93
CA PHE A 47 -13.82 -5.89 -7.79
C PHE A 47 -13.21 -6.48 -6.53
N GLY A 48 -12.56 -5.62 -5.75
CA GLY A 48 -11.94 -6.03 -4.50
C GLY A 48 -10.63 -6.76 -4.71
N ALA A 49 -10.01 -6.52 -5.85
CA ALA A 49 -8.71 -7.12 -6.18
C ALA A 49 -7.67 -6.73 -5.16
N GLY A 50 -6.83 -7.68 -4.75
CA GLY A 50 -5.80 -7.41 -3.78
C GLY A 50 -6.24 -7.55 -2.33
N ARG A 51 -7.51 -7.87 -2.07
CA ARG A 51 -7.99 -8.21 -0.71
C ARG A 51 -8.35 -9.67 -0.64
N TRP A 52 -8.24 -10.26 0.54
CA TRP A 52 -8.79 -11.58 0.79
C TRP A 52 -10.31 -11.52 0.88
N ASN A 53 -10.96 -12.58 0.46
CA ASN A 53 -12.40 -12.67 0.60
C ASN A 53 -12.89 -14.12 0.57
N GLY A 54 -14.17 -14.29 0.90
CA GLY A 54 -14.87 -15.52 0.59
C GLY A 54 -15.07 -15.61 -0.92
N PHE A 55 -15.66 -16.72 -1.34
CA PHE A 55 -15.82 -16.99 -2.75
C PHE A 55 -17.23 -16.65 -3.13
N GLY A 56 -17.40 -16.04 -4.28
CA GLY A 56 -18.75 -15.70 -4.71
C GLY A 56 -18.74 -14.78 -5.92
N GLY A 57 -19.90 -14.20 -6.23
CA GLY A 57 -20.04 -13.41 -7.44
C GLY A 57 -21.48 -13.12 -7.74
N LYS A 58 -21.74 -12.59 -8.93
CA LYS A 58 -23.10 -12.24 -9.35
C LYS A 58 -23.98 -13.48 -9.43
N VAL A 59 -25.23 -13.32 -9.06
CA VAL A 59 -26.23 -14.37 -9.23
C VAL A 59 -26.80 -14.19 -10.64
N GLN A 60 -26.78 -15.27 -11.41
CA GLN A 60 -27.24 -15.24 -12.79
C GLN A 60 -28.76 -15.44 -12.85
N GLU A 61 -29.33 -14.93 -13.93
CA GLU A 61 -30.66 -15.29 -14.38
C GLU A 61 -30.75 -16.80 -14.46
N GLY A 62 -31.79 -17.38 -13.93
CA GLY A 62 -32.06 -18.79 -14.17
C GLY A 62 -31.40 -19.68 -13.15
N GLU A 63 -30.77 -19.12 -12.10
CA GLU A 63 -30.26 -19.92 -10.98
C GLU A 63 -30.75 -19.34 -9.67
N THR A 64 -31.00 -20.18 -8.69
CA THR A 64 -31.31 -19.66 -7.37
C THR A 64 -30.04 -19.04 -6.76
N ILE A 65 -30.20 -18.22 -5.72
CA ILE A 65 -29.04 -17.62 -5.03
C ILE A 65 -28.07 -18.73 -4.56
N GLU A 66 -28.62 -19.75 -3.92
CA GLU A 66 -27.79 -20.80 -3.37
C GLU A 66 -27.01 -21.52 -4.46
N ASP A 67 -27.67 -21.88 -5.56
CA ASP A 67 -26.97 -22.55 -6.68
C ASP A 67 -25.86 -21.67 -7.25
N GLY A 68 -26.14 -20.37 -7.38
CA GLY A 68 -25.13 -19.35 -7.69
C GLY A 68 -23.92 -19.34 -6.74
N ALA A 69 -24.20 -19.51 -5.45
CA ALA A 69 -23.13 -19.56 -4.47
C ALA A 69 -22.29 -20.83 -4.67
N LYS A 70 -22.94 -21.94 -4.90
CA LYS A 70 -22.27 -23.21 -5.16
C LYS A 70 -21.47 -23.19 -6.44
N ARG A 71 -22.08 -22.70 -7.52
CA ARG A 71 -21.35 -22.56 -8.79
C ARG A 71 -20.11 -21.68 -8.60
N GLU A 72 -20.23 -20.52 -7.94
CA GLU A 72 -19.08 -19.63 -7.79
C GLU A 72 -17.96 -20.23 -6.93
N LEU A 73 -18.33 -20.93 -5.86
CA LEU A 73 -17.36 -21.63 -5.01
C LEU A 73 -16.57 -22.66 -5.84
N LEU A 74 -17.28 -23.45 -6.63
CA LEU A 74 -16.66 -24.47 -7.49
C LEU A 74 -15.73 -23.80 -8.48
N GLU A 75 -16.24 -22.81 -9.21
CA GLU A 75 -15.44 -22.07 -10.20
C GLU A 75 -14.18 -21.44 -9.56
N GLU A 76 -14.32 -20.77 -8.41
CA GLU A 76 -13.19 -19.99 -7.87
C GLU A 76 -12.20 -20.79 -7.04
N SER A 77 -12.66 -21.89 -6.44
CA SER A 77 -11.81 -22.66 -5.55
C SER A 77 -11.64 -24.14 -5.88
N GLY A 78 -12.41 -24.65 -6.84
CA GLY A 78 -12.46 -26.07 -7.17
C GLY A 78 -13.17 -26.92 -6.13
N LEU A 79 -13.88 -26.28 -5.19
CA LEU A 79 -14.52 -27.04 -4.13
C LEU A 79 -16.01 -27.23 -4.35
N SER A 80 -16.52 -28.38 -3.94
CA SER A 80 -17.93 -28.72 -4.06
C SER A 80 -18.53 -28.86 -2.68
N VAL A 81 -19.85 -28.70 -2.58
CA VAL A 81 -20.56 -28.91 -1.33
C VAL A 81 -21.84 -29.69 -1.53
N ASP A 82 -22.31 -30.38 -0.50
CA ASP A 82 -23.65 -30.97 -0.55
C ASP A 82 -24.63 -29.82 -0.23
N THR A 83 -24.37 -29.09 0.86
CA THR A 83 -25.23 -27.97 1.21
C THR A 83 -24.42 -26.81 1.77
N LEU A 84 -25.07 -25.65 1.83
CA LEU A 84 -24.53 -24.45 2.43
C LEU A 84 -25.42 -24.01 3.58
N HIS A 85 -24.85 -23.34 4.58
CA HIS A 85 -25.64 -22.68 5.61
C HIS A 85 -25.87 -21.24 5.26
N LYS A 86 -27.12 -20.80 5.31
CA LYS A 86 -27.43 -19.39 5.18
C LYS A 86 -26.95 -18.76 6.47
N VAL A 87 -26.04 -17.79 6.40
CA VAL A 87 -25.51 -17.13 7.61
C VAL A 87 -25.69 -15.61 7.70
N GLY A 88 -25.84 -14.94 6.57
CA GLY A 88 -25.88 -13.48 6.56
C GLY A 88 -26.47 -12.87 5.32
N HIS A 89 -26.79 -11.58 5.44
CA HIS A 89 -27.36 -10.84 4.34
C HIS A 89 -26.98 -9.39 4.55
N ILE A 90 -26.27 -8.81 3.61
CA ILE A 90 -25.78 -7.48 3.77
C ILE A 90 -25.94 -6.76 2.45
N SER A 91 -26.52 -5.57 2.49
CA SER A 91 -26.57 -4.70 1.31
C SER A 91 -25.43 -3.68 1.35
N PHE A 92 -24.87 -3.36 0.18
CA PHE A 92 -23.71 -2.46 0.10
C PHE A 92 -24.04 -1.31 -0.83
N GLU A 93 -23.55 -0.13 -0.49
CA GLU A 93 -23.83 1.11 -1.21
C GLU A 93 -22.55 1.88 -1.28
N PHE A 94 -22.29 2.50 -2.43
CA PHE A 94 -21.17 3.40 -2.57
C PHE A 94 -21.70 4.82 -2.77
N VAL A 95 -21.19 5.77 -1.99
CA VAL A 95 -21.52 7.17 -2.16
C VAL A 95 -21.37 7.58 -3.64
N GLY A 96 -22.39 8.28 -4.15
CA GLY A 96 -22.39 8.72 -5.55
C GLY A 96 -22.39 7.58 -6.56
N SER A 97 -23.20 6.56 -6.29
CA SER A 97 -23.44 5.49 -7.26
C SER A 97 -24.74 4.82 -6.84
N PRO A 98 -25.72 4.75 -7.75
CA PRO A 98 -27.03 4.33 -7.27
C PRO A 98 -27.16 2.81 -7.15
N GLU A 99 -26.17 2.08 -7.66
CA GLU A 99 -26.27 0.62 -7.81
C GLU A 99 -25.94 -0.12 -6.49
N LEU A 100 -26.97 -0.74 -5.89
CA LEU A 100 -26.87 -1.50 -4.61
C LEU A 100 -26.47 -2.97 -4.81
N MET A 101 -25.55 -3.47 -3.97
CA MET A 101 -25.15 -4.89 -3.98
C MET A 101 -25.88 -5.64 -2.84
N ASP A 102 -26.75 -6.56 -3.20
CA ASP A 102 -27.57 -7.27 -2.26
C ASP A 102 -26.85 -8.62 -2.07
N VAL A 103 -26.11 -8.75 -0.96
CA VAL A 103 -25.15 -9.85 -0.80
C VAL A 103 -25.68 -10.88 0.19
N HIS A 104 -25.86 -12.11 -0.28
CA HIS A 104 -26.30 -13.24 0.53
C HIS A 104 -25.07 -14.04 0.87
N ILE A 105 -24.89 -14.24 2.17
CA ILE A 105 -23.65 -14.76 2.73
C ILE A 105 -23.94 -16.14 3.24
N PHE A 106 -23.13 -17.09 2.78
CA PHE A 106 -23.25 -18.50 3.14
C PHE A 106 -21.95 -19.00 3.76
N SER A 107 -22.08 -20.03 4.57
CA SER A 107 -20.97 -20.73 5.15
C SER A 107 -20.95 -22.11 4.53
N ALA A 108 -19.78 -22.50 4.03
CA ALA A 108 -19.55 -23.85 3.53
C ALA A 108 -18.69 -24.54 4.57
N ASP A 109 -19.41 -25.25 5.39
CA ASP A 109 -18.93 -25.92 6.55
C ASP A 109 -18.17 -27.19 6.21
N HIS A 110 -18.35 -27.64 4.99
CA HIS A 110 -17.92 -28.95 4.65
C HIS A 110 -17.81 -28.98 3.16
N VAL A 111 -16.60 -29.20 2.66
CA VAL A 111 -16.33 -29.08 1.27
C VAL A 111 -15.69 -30.34 0.72
N HIS A 112 -15.87 -30.59 -0.56
CA HIS A 112 -15.28 -31.74 -1.23
C HIS A 112 -14.32 -31.27 -2.26
N GLY A 113 -13.26 -32.04 -2.47
CA GLY A 113 -12.30 -31.71 -3.50
C GLY A 113 -11.11 -30.96 -2.92
N THR A 114 -10.24 -30.48 -3.80
CA THR A 114 -8.98 -29.88 -3.42
C THR A 114 -8.98 -28.40 -3.74
N PRO A 115 -8.61 -27.56 -2.75
CA PRO A 115 -8.53 -26.17 -3.07
C PRO A 115 -7.59 -25.93 -4.25
N THR A 116 -8.05 -25.15 -5.23
CA THR A 116 -7.33 -24.93 -6.47
C THR A 116 -7.39 -23.45 -6.87
N GLU A 117 -6.23 -22.90 -7.16
CA GLU A 117 -6.17 -21.55 -7.71
C GLU A 117 -6.93 -21.44 -9.06
N SER A 118 -7.67 -20.36 -9.22
CA SER A 118 -8.44 -20.06 -10.41
C SER A 118 -7.87 -18.77 -10.93
N GLU A 119 -8.35 -18.32 -12.07
CA GLU A 119 -7.92 -17.01 -12.61
C GLU A 119 -8.29 -15.86 -11.68
N GLU A 120 -9.39 -16.02 -10.97
CA GLU A 120 -9.92 -14.97 -10.15
C GLU A 120 -9.41 -15.05 -8.68
N MET A 121 -9.18 -16.26 -8.18
CA MET A 121 -8.89 -16.42 -6.77
C MET A 121 -7.75 -17.39 -6.50
N ARG A 122 -6.87 -17.00 -5.56
CA ARG A 122 -5.89 -17.94 -4.95
C ARG A 122 -6.31 -18.30 -3.53
N PRO A 123 -6.79 -19.53 -3.34
CA PRO A 123 -7.16 -19.94 -1.99
C PRO A 123 -5.97 -20.05 -1.03
N GLN A 124 -6.20 -19.64 0.22
CA GLN A 124 -5.24 -19.86 1.30
C GLN A 124 -5.95 -20.04 2.62
N TRP A 125 -5.41 -20.94 3.46
CA TRP A 125 -5.97 -21.17 4.78
C TRP A 125 -5.41 -20.21 5.84
N PHE A 126 -6.29 -19.73 6.72
CA PHE A 126 -5.93 -18.93 7.88
C PHE A 126 -6.57 -19.53 9.11
N GLN A 127 -5.81 -19.65 10.19
CA GLN A 127 -6.38 -20.03 11.47
C GLN A 127 -7.26 -18.83 11.89
N LEU A 128 -8.37 -19.08 12.58
CA LEU A 128 -9.40 -18.04 12.78
C LEU A 128 -8.86 -16.83 13.52
N ASP A 129 -8.01 -17.04 14.51
CA ASP A 129 -7.42 -15.90 15.23
C ASP A 129 -6.31 -15.20 14.47
N GLN A 130 -6.09 -15.55 13.20
CA GLN A 130 -4.99 -14.94 12.41
C GLN A 130 -5.44 -14.35 11.08
N ILE A 131 -6.74 -14.10 10.93
CA ILE A 131 -7.28 -13.54 9.70
C ILE A 131 -6.79 -12.12 9.61
N PRO A 132 -6.10 -11.76 8.52
CA PRO A 132 -5.57 -10.42 8.39
C PRO A 132 -6.66 -9.42 7.99
N PHE A 133 -7.48 -9.01 8.95
CA PHE A 133 -8.59 -8.10 8.66
C PHE A 133 -8.17 -6.81 7.94
N ALA A 134 -6.93 -6.37 8.16
CA ALA A 134 -6.41 -5.22 7.44
C ALA A 134 -6.46 -5.41 5.93
N ASP A 135 -6.37 -6.65 5.45
CA ASP A 135 -6.39 -6.89 4.02
C ASP A 135 -7.69 -7.55 3.54
N LEU A 136 -8.75 -7.42 4.31
CA LEU A 136 -10.08 -7.81 3.84
C LEU A 136 -10.87 -6.52 3.60
N TRP A 137 -12.03 -6.62 2.96
CA TRP A 137 -12.95 -5.50 2.91
C TRP A 137 -13.15 -5.00 4.35
N PRO A 138 -13.23 -3.66 4.56
CA PRO A 138 -13.35 -3.17 5.93
C PRO A 138 -14.61 -3.61 6.70
N ASP A 139 -15.72 -3.90 6.02
CA ASP A 139 -16.92 -4.41 6.72
C ASP A 139 -16.70 -5.76 7.44
N ASP A 140 -15.82 -6.60 6.88
CA ASP A 140 -15.65 -7.98 7.36
C ASP A 140 -15.30 -8.08 8.82
N SER A 141 -14.53 -7.13 9.35
CA SER A 141 -14.16 -7.15 10.75
C SER A 141 -15.37 -6.90 11.65
N TYR A 142 -16.42 -6.28 11.11
CA TYR A 142 -17.66 -6.10 11.86
C TYR A 142 -18.51 -7.38 11.94
N TRP A 143 -18.69 -8.07 10.82
CA TRP A 143 -19.58 -9.22 10.85
C TRP A 143 -18.91 -10.59 10.99
N PHE A 144 -17.61 -10.70 10.75
CA PHE A 144 -16.95 -11.98 10.98
C PHE A 144 -17.16 -12.51 12.38
N PRO A 145 -17.07 -11.66 13.40
CA PRO A 145 -17.33 -12.19 14.74
C PRO A 145 -18.73 -12.83 14.88
N LEU A 146 -19.75 -12.24 14.27
CA LEU A 146 -21.09 -12.82 14.31
C LEU A 146 -21.05 -14.19 13.62
N LEU A 147 -20.43 -14.25 12.44
CA LEU A 147 -20.22 -15.50 11.72
C LEU A 147 -19.60 -16.60 12.58
N LEU A 148 -18.49 -16.28 13.25
CA LEU A 148 -17.72 -17.32 13.93
C LEU A 148 -18.45 -17.77 15.20
N GLN A 149 -19.32 -16.93 15.75
CA GLN A 149 -20.20 -17.34 16.85
C GLN A 149 -21.52 -17.99 16.39
N LYS A 150 -21.68 -18.22 15.08
CA LYS A 150 -22.90 -18.82 14.51
C LYS A 150 -24.17 -18.00 14.73
N LYS A 151 -24.04 -16.68 14.74
CA LYS A 151 -25.16 -15.78 14.81
C LYS A 151 -25.51 -15.25 13.42
N LYS A 152 -26.71 -15.60 12.95
CA LYS A 152 -27.19 -15.12 11.65
C LYS A 152 -27.34 -13.61 11.71
N PHE A 153 -26.98 -12.90 10.66
CA PHE A 153 -27.00 -11.43 10.73
C PHE A 153 -27.59 -10.76 9.50
N CYS A 154 -28.09 -9.56 9.71
N CYS A 154 -28.16 -9.58 9.68
CA CYS A 154 -28.61 -8.72 8.62
CA CYS A 154 -28.60 -8.75 8.56
C CYS A 154 -27.92 -7.37 8.74
C CYS A 154 -27.97 -7.37 8.72
N GLY A 155 -27.56 -6.77 7.61
CA GLY A 155 -26.86 -5.50 7.65
C GLY A 155 -26.86 -4.68 6.38
N HIS A 156 -26.41 -3.44 6.51
CA HIS A 156 -26.34 -2.48 5.42
C HIS A 156 -25.07 -1.67 5.67
N PHE A 157 -24.23 -1.53 4.65
CA PHE A 157 -22.99 -0.78 4.75
C PHE A 157 -22.92 0.24 3.60
N LYS A 158 -22.67 1.50 3.93
CA LYS A 158 -22.51 2.52 2.91
C LYS A 158 -21.07 3.00 2.94
N PHE A 159 -20.37 2.84 1.82
CA PHE A 159 -18.94 3.19 1.71
C PHE A 159 -18.71 4.57 1.09
N GLN A 160 -17.82 5.34 1.70
CA GLN A 160 -17.37 6.59 1.11
C GLN A 160 -16.53 6.27 -0.12
N ASP A 161 -15.61 5.33 0.08
CA ASP A 161 -14.79 4.80 -1.01
C ASP A 161 -14.49 3.35 -0.64
N GLN A 162 -13.64 2.66 -1.41
CA GLN A 162 -13.36 1.24 -1.17
C GLN A 162 -12.63 0.96 0.15
N ASP A 163 -12.03 1.98 0.76
CA ASP A 163 -11.34 1.80 2.04
C ASP A 163 -12.11 2.36 3.22
N THR A 164 -13.23 3.02 2.99
CA THR A 164 -13.81 3.83 4.06
C THR A 164 -15.31 3.67 4.20
N ILE A 165 -15.74 3.11 5.36
CA ILE A 165 -17.15 3.01 5.69
C ILE A 165 -17.61 4.38 6.14
N LEU A 166 -18.69 4.88 5.55
CA LEU A 166 -19.30 6.12 6.00
C LEU A 166 -20.35 5.76 7.03
N SER A 167 -21.25 4.84 6.69
CA SER A 167 -22.33 4.44 7.55
C SER A 167 -22.59 2.94 7.52
N TYR A 168 -23.06 2.39 8.65
CA TYR A 168 -23.57 1.02 8.70
C TYR A 168 -24.63 0.73 9.80
N SER A 169 -25.46 -0.30 9.55
CA SER A 169 -26.21 -0.95 10.63
C SER A 169 -26.06 -2.47 10.51
N LEU A 170 -26.07 -3.14 11.66
CA LEU A 170 -25.86 -4.57 11.71
C LEU A 170 -26.68 -5.10 12.89
N ARG A 171 -27.40 -6.18 12.66
CA ARG A 171 -28.20 -6.79 13.72
C ARG A 171 -28.26 -8.30 13.50
N GLU A 172 -28.65 -9.03 14.54
CA GLU A 172 -28.77 -10.49 14.47
C GLU A 172 -30.21 -10.83 14.12
N VAL A 173 -30.40 -11.93 13.41
CA VAL A 173 -31.73 -12.39 13.07
C VAL A 173 -31.82 -13.87 13.40
N ASP A 174 -33.03 -14.33 13.70
CA ASP A 174 -33.25 -15.74 14.01
C ASP A 174 -33.35 -16.60 12.74
N SER A 175 -33.82 -15.99 11.65
CA SER A 175 -33.90 -16.68 10.38
C SER A 175 -33.92 -15.71 9.20
N PHE A 176 -33.96 -16.28 7.99
CA PHE A 176 -33.99 -15.53 6.76
C PHE A 176 -35.29 -15.81 6.01
N SER B 24 -23.93 2.87 -26.15
CA SER B 24 -22.81 3.63 -25.54
C SER B 24 -23.32 4.92 -24.89
N ARG B 25 -22.57 5.45 -23.93
CA ARG B 25 -22.93 6.68 -23.22
C ARG B 25 -21.83 7.73 -23.37
N LEU B 26 -22.23 8.97 -23.59
CA LEU B 26 -21.28 10.05 -23.80
C LEU B 26 -20.73 10.55 -22.46
N TYR B 27 -19.41 10.74 -22.42
CA TYR B 27 -18.74 11.36 -21.28
C TYR B 27 -17.79 12.45 -21.76
N THR B 28 -17.43 13.32 -20.82
CA THR B 28 -16.43 14.36 -21.05
C THR B 28 -15.30 14.24 -20.05
N LEU B 29 -14.14 14.72 -20.45
CA LEU B 29 -12.97 14.74 -19.61
C LEU B 29 -12.20 15.96 -20.03
N VAL B 30 -11.84 16.78 -19.04
CA VAL B 30 -11.20 18.04 -19.28
C VAL B 30 -9.90 18.16 -18.52
N LEU B 31 -8.79 18.33 -19.25
CA LEU B 31 -7.48 18.53 -18.66
C LEU B 31 -7.15 20.02 -18.60
N VAL B 32 -6.89 20.52 -17.38
CA VAL B 32 -6.65 21.95 -17.15
C VAL B 32 -5.16 22.12 -17.20
N LEU B 33 -4.67 22.67 -18.31
CA LEU B 33 -3.24 22.70 -18.62
C LEU B 33 -2.71 24.12 -18.55
N GLN B 34 -1.53 24.29 -17.94
CA GLN B 34 -0.77 25.52 -18.11
C GLN B 34 0.60 25.11 -18.66
N PRO B 35 1.40 26.08 -19.14
CA PRO B 35 2.58 25.69 -19.93
C PRO B 35 3.52 24.63 -19.29
N GLN B 36 3.64 24.63 -17.96
CA GLN B 36 4.41 23.59 -17.25
C GLN B 36 3.72 22.78 -16.15
N ARG B 37 2.41 22.89 -16.03
CA ARG B 37 1.70 22.11 -15.03
C ARG B 37 0.27 21.83 -15.43
N VAL B 38 -0.32 20.85 -14.76
CA VAL B 38 -1.65 20.39 -14.98
C VAL B 38 -2.39 20.42 -13.65
N LEU B 39 -3.66 20.82 -13.67
CA LEU B 39 -4.51 20.73 -12.49
C LEU B 39 -5.42 19.52 -12.60
N LEU B 40 -5.12 18.48 -11.81
CA LEU B 40 -5.87 17.26 -11.76
C LEU B 40 -6.78 17.25 -10.55
N GLY B 41 -7.74 16.34 -10.54
CA GLY B 41 -8.66 16.22 -9.42
C GLY B 41 -8.57 14.86 -8.82
N MET B 42 -8.48 14.80 -7.51
CA MET B 42 -8.53 13.54 -6.80
C MET B 42 -10.01 13.23 -6.64
N LYS B 43 -10.48 12.15 -7.25
CA LYS B 43 -11.88 11.80 -7.14
C LYS B 43 -12.13 11.26 -5.73
N LYS B 44 -13.15 11.79 -5.06
CA LYS B 44 -13.42 11.50 -3.64
C LYS B 44 -14.56 10.48 -3.42
N ARG B 45 -15.21 10.09 -4.52
CA ARG B 45 -16.40 9.23 -4.52
C ARG B 45 -16.66 8.76 -5.95
N GLY B 46 -17.35 7.62 -6.07
CA GLY B 46 -17.87 7.17 -7.35
C GLY B 46 -16.87 6.43 -8.22
N PHE B 47 -17.07 6.54 -9.53
CA PHE B 47 -16.25 5.86 -10.51
C PHE B 47 -14.86 6.50 -10.54
N GLY B 48 -13.85 5.70 -10.22
CA GLY B 48 -12.46 6.15 -10.19
C GLY B 48 -12.03 6.81 -8.89
N ALA B 49 -12.77 6.54 -7.83
CA ALA B 49 -12.44 7.06 -6.50
C ALA B 49 -11.04 6.67 -6.11
N GLY B 50 -10.32 7.61 -5.48
CA GLY B 50 -8.94 7.42 -5.06
C GLY B 50 -7.94 7.70 -6.16
N ARG B 51 -8.37 7.86 -7.41
CA ARG B 51 -7.43 8.21 -8.50
C ARG B 51 -7.50 9.67 -8.87
N TRP B 52 -6.42 10.16 -9.43
CA TRP B 52 -6.36 11.51 -9.99
C TRP B 52 -6.92 11.46 -11.38
N ASN B 53 -7.60 12.52 -11.79
CA ASN B 53 -8.11 12.59 -13.16
C ASN B 53 -8.34 14.01 -13.64
N GLY B 54 -8.68 14.16 -14.92
CA GLY B 54 -9.22 15.42 -15.39
C GLY B 54 -10.65 15.56 -14.83
N PHE B 55 -11.30 16.65 -15.20
CA PHE B 55 -12.62 16.92 -14.70
C PHE B 55 -13.63 16.56 -15.78
N GLY B 56 -14.75 15.99 -15.39
CA GLY B 56 -15.74 15.62 -16.37
C GLY B 56 -16.76 14.68 -15.80
N GLY B 57 -17.54 14.05 -16.66
CA GLY B 57 -18.73 13.32 -16.19
C GLY B 57 -19.63 12.99 -17.35
N LYS B 58 -20.84 12.54 -17.04
CA LYS B 58 -21.84 12.24 -18.06
C LYS B 58 -22.26 13.51 -18.82
N VAL B 59 -22.49 13.33 -20.10
CA VAL B 59 -23.13 14.35 -20.89
C VAL B 59 -24.65 14.20 -20.74
N GLN B 60 -25.32 15.27 -20.33
CA GLN B 60 -26.77 15.25 -20.20
C GLN B 60 -27.53 15.43 -21.53
N GLU B 61 -28.70 14.80 -21.59
CA GLU B 61 -29.77 15.19 -22.54
C GLU B 61 -29.92 16.70 -22.58
N GLY B 62 -29.92 17.31 -23.75
CA GLY B 62 -30.22 18.74 -23.88
C GLY B 62 -29.02 19.68 -23.78
N GLU B 63 -27.80 19.13 -23.66
CA GLU B 63 -26.58 19.95 -23.72
C GLU B 63 -25.66 19.34 -24.77
N THR B 64 -24.87 20.16 -25.41
CA THR B 64 -23.80 19.65 -26.26
C THR B 64 -22.71 18.99 -25.36
N ILE B 65 -21.90 18.13 -25.99
CA ILE B 65 -20.72 17.52 -25.34
C ILE B 65 -19.84 18.62 -24.68
N GLU B 66 -19.52 19.63 -25.47
CA GLU B 66 -18.72 20.72 -25.02
C GLU B 66 -19.36 21.55 -23.90
N ASP B 67 -20.66 21.83 -23.96
CA ASP B 67 -21.38 22.48 -22.82
C ASP B 67 -21.24 21.64 -21.56
N GLY B 68 -21.43 20.33 -21.73
CA GLY B 68 -21.32 19.37 -20.62
C GLY B 68 -19.91 19.35 -20.03
N ALA B 69 -18.92 19.44 -20.89
CA ALA B 69 -17.54 19.49 -20.39
C ALA B 69 -17.34 20.78 -19.57
N LYS B 70 -17.80 21.91 -20.10
CA LYS B 70 -17.72 23.16 -19.35
C LYS B 70 -18.50 23.09 -18.03
N ARG B 71 -19.69 22.53 -18.08
CA ARG B 71 -20.49 22.41 -16.85
C ARG B 71 -19.77 21.56 -15.80
N GLU B 72 -19.22 20.39 -16.19
CA GLU B 72 -18.59 19.50 -15.23
C GLU B 72 -17.35 20.15 -14.64
N LEU B 73 -16.55 20.80 -15.49
CA LEU B 73 -15.38 21.56 -15.04
C LEU B 73 -15.75 22.57 -13.94
N LEU B 74 -16.85 23.32 -14.15
CA LEU B 74 -17.34 24.34 -13.21
C LEU B 74 -17.76 23.72 -11.92
N GLU B 75 -18.65 22.73 -12.02
CA GLU B 75 -19.16 22.02 -10.85
C GLU B 75 -18.04 21.40 -10.01
N GLU B 76 -17.07 20.72 -10.64
CA GLU B 76 -16.04 19.98 -9.91
C GLU B 76 -14.85 20.80 -9.42
N SER B 77 -14.49 21.86 -10.16
CA SER B 77 -13.30 22.68 -9.83
C SER B 77 -13.51 24.19 -9.56
N GLY B 78 -14.72 24.70 -9.78
CA GLY B 78 -14.97 26.14 -9.69
C GLY B 78 -14.38 26.97 -10.82
N LEU B 79 -13.80 26.32 -11.84
CA LEU B 79 -13.19 27.03 -12.95
C LEU B 79 -14.13 27.21 -14.16
N SER B 80 -14.02 28.35 -14.81
CA SER B 80 -14.81 28.70 -15.98
C SER B 80 -13.90 28.86 -17.16
N VAL B 81 -14.44 28.74 -18.37
CA VAL B 81 -13.67 28.89 -19.60
C VAL B 81 -14.42 29.69 -20.64
N ASP B 82 -13.69 30.35 -21.51
CA ASP B 82 -14.30 30.92 -22.72
C ASP B 82 -14.50 29.82 -23.76
N THR B 83 -13.47 29.01 -23.97
CA THR B 83 -13.50 27.93 -24.93
C THR B 83 -12.63 26.76 -24.45
N LEU B 84 -12.87 25.59 -25.07
CA LEU B 84 -12.12 24.36 -24.85
C LEU B 84 -11.42 23.95 -26.15
N HIS B 85 -10.29 23.26 -26.06
CA HIS B 85 -9.69 22.58 -27.22
C HIS B 85 -10.09 21.13 -27.25
N LYS B 86 -10.60 20.68 -28.39
CA LYS B 86 -10.85 19.26 -28.60
C LYS B 86 -9.52 18.56 -28.78
N VAL B 87 -9.15 17.64 -27.91
CA VAL B 87 -7.82 17.01 -28.02
C VAL B 87 -7.80 15.49 -28.22
N GLY B 88 -8.88 14.81 -27.85
CA GLY B 88 -8.91 13.35 -27.90
C GLY B 88 -10.32 12.79 -27.90
N HIS B 89 -10.48 11.62 -28.47
CA HIS B 89 -11.73 10.86 -28.38
C HIS B 89 -11.30 9.46 -28.05
N ILE B 90 -11.83 8.88 -26.97
CA ILE B 90 -11.49 7.53 -26.56
C ILE B 90 -12.71 6.81 -26.07
N SER B 91 -12.91 5.58 -26.53
CA SER B 91 -14.00 4.78 -26.00
C SER B 91 -13.46 3.68 -25.11
N PHE B 92 -14.20 3.36 -24.04
CA PHE B 92 -13.73 2.37 -23.06
C PHE B 92 -14.76 1.30 -22.93
N GLU B 93 -14.35 0.04 -22.80
CA GLU B 93 -15.26 -1.00 -22.38
C GLU B 93 -14.59 -1.84 -21.30
N PHE B 94 -15.41 -2.52 -20.51
CA PHE B 94 -14.92 -3.38 -19.45
C PHE B 94 -15.37 -4.80 -19.72
N VAL B 95 -14.42 -5.74 -19.63
CA VAL B 95 -14.73 -7.15 -19.71
C VAL B 95 -15.97 -7.46 -18.85
N GLY B 96 -16.92 -8.17 -19.44
CA GLY B 96 -18.14 -8.58 -18.74
C GLY B 96 -19.09 -7.45 -18.42
N SER B 97 -19.19 -6.48 -19.34
CA SER B 97 -20.12 -5.37 -19.21
C SER B 97 -20.34 -4.77 -20.61
N PRO B 98 -21.59 -4.77 -21.10
CA PRO B 98 -21.80 -4.45 -22.51
C PRO B 98 -21.83 -2.95 -22.87
N GLU B 99 -21.74 -2.05 -21.89
CA GLU B 99 -21.87 -0.62 -22.17
C GLU B 99 -20.53 0.10 -22.39
N LEU B 100 -20.36 0.68 -23.58
CA LEU B 100 -19.17 1.47 -23.92
C LEU B 100 -19.28 2.90 -23.42
N MET B 101 -18.20 3.40 -22.83
CA MET B 101 -18.10 4.80 -22.43
C MET B 101 -17.46 5.52 -23.61
N ASP B 102 -18.17 6.49 -24.19
CA ASP B 102 -17.66 7.23 -25.31
C ASP B 102 -17.15 8.59 -24.81
N VAL B 103 -15.82 8.70 -24.65
CA VAL B 103 -15.22 9.79 -23.89
C VAL B 103 -14.61 10.82 -24.80
N HIS B 104 -15.08 12.06 -24.66
CA HIS B 104 -14.59 13.18 -25.45
C HIS B 104 -13.70 14.04 -24.57
N ILE B 105 -12.45 14.17 -24.96
CA ILE B 105 -11.41 14.73 -24.13
C ILE B 105 -11.02 16.11 -24.62
N PHE B 106 -11.02 17.06 -23.69
CA PHE B 106 -10.73 18.46 -23.97
C PHE B 106 -9.60 18.98 -23.08
N SER B 107 -8.85 19.95 -23.59
CA SER B 107 -8.00 20.71 -22.71
C SER B 107 -8.53 22.12 -22.50
N ALA B 108 -8.39 22.55 -21.27
CA ALA B 108 -8.75 23.85 -20.83
C ALA B 108 -7.41 24.50 -20.52
N ASP B 109 -6.99 25.23 -21.53
CA ASP B 109 -5.73 25.89 -21.68
C ASP B 109 -5.70 27.18 -20.90
N HIS B 110 -6.89 27.66 -20.60
CA HIS B 110 -7.00 28.96 -20.02
C HIS B 110 -8.25 28.95 -19.24
N VAL B 111 -8.12 29.19 -17.94
CA VAL B 111 -9.26 29.12 -17.06
C VAL B 111 -9.42 30.39 -16.28
N HIS B 112 -10.66 30.68 -15.87
CA HIS B 112 -10.97 31.75 -14.95
C HIS B 112 -11.51 31.22 -13.67
N GLY B 113 -11.30 31.98 -12.60
CA GLY B 113 -11.73 31.58 -11.27
C GLY B 113 -10.59 30.95 -10.49
N THR B 114 -10.90 30.57 -9.26
CA THR B 114 -9.98 29.93 -8.35
C THR B 114 -10.34 28.45 -8.25
N PRO B 115 -9.33 27.56 -8.28
CA PRO B 115 -9.59 26.15 -8.05
C PRO B 115 -10.18 25.87 -6.66
N THR B 116 -11.25 25.07 -6.63
CA THR B 116 -12.06 24.89 -5.44
C THR B 116 -12.47 23.45 -5.31
N GLU B 117 -12.24 22.89 -4.13
CA GLU B 117 -12.66 21.53 -3.84
C GLU B 117 -14.19 21.47 -3.84
N SER B 118 -14.73 20.41 -4.45
CA SER B 118 -16.15 20.14 -4.50
C SER B 118 -16.36 18.86 -3.72
N GLU B 119 -17.59 18.36 -3.69
CA GLU B 119 -17.85 17.07 -3.06
C GLU B 119 -17.20 15.93 -3.82
N GLU B 120 -17.09 16.10 -5.14
CA GLU B 120 -16.60 15.05 -5.99
C GLU B 120 -15.08 15.05 -6.12
N MET B 121 -14.48 16.22 -6.21
CA MET B 121 -13.10 16.35 -6.64
C MET B 121 -12.32 17.30 -5.77
N ARG B 122 -11.08 16.91 -5.43
CA ARG B 122 -10.09 17.85 -4.86
C ARG B 122 -9.01 18.23 -5.90
N PRO B 123 -9.06 19.46 -6.42
CA PRO B 123 -8.04 19.92 -7.34
C PRO B 123 -6.64 20.02 -6.75
N GLN B 124 -5.64 19.61 -7.54
CA GLN B 124 -4.24 19.88 -7.21
C GLN B 124 -3.37 20.02 -8.45
N TRP B 125 -2.41 20.96 -8.38
CA TRP B 125 -1.42 21.19 -9.41
C TRP B 125 -0.24 20.22 -9.39
N PHE B 126 0.14 19.72 -10.56
CA PHE B 126 1.31 18.88 -10.75
C PHE B 126 2.18 19.45 -11.87
N GLN B 127 3.46 19.62 -11.62
CA GLN B 127 4.36 19.96 -12.70
C GLN B 127 4.29 18.78 -13.69
N LEU B 128 4.40 19.08 -14.99
CA LEU B 128 4.07 18.08 -16.01
C LEU B 128 4.96 16.83 -15.90
N ASP B 129 6.24 17.04 -15.58
CA ASP B 129 7.17 15.92 -15.38
C ASP B 129 7.05 15.19 -14.04
N GLN B 130 6.07 15.54 -13.19
CA GLN B 130 5.88 14.89 -11.88
C GLN B 130 4.47 14.31 -11.70
N ILE B 131 3.80 14.00 -12.81
CA ILE B 131 2.46 13.45 -12.79
C ILE B 131 2.58 12.03 -12.26
N PRO B 132 1.83 11.71 -11.19
CA PRO B 132 1.94 10.36 -10.62
C PRO B 132 1.04 9.41 -11.39
N PHE B 133 1.51 8.99 -12.56
CA PHE B 133 0.77 8.10 -13.45
C PHE B 133 0.31 6.81 -12.78
N ALA B 134 1.05 6.36 -11.78
CA ALA B 134 0.67 5.21 -10.99
C ALA B 134 -0.71 5.41 -10.36
N ASP B 135 -1.02 6.64 -9.95
CA ASP B 135 -2.30 6.91 -9.30
C ASP B 135 -3.37 7.49 -10.23
N LEU B 136 -3.10 7.51 -11.53
CA LEU B 136 -4.10 7.91 -12.55
C LEU B 136 -4.69 6.63 -13.17
N TRP B 137 -5.81 6.76 -13.86
CA TRP B 137 -6.32 5.64 -14.63
C TRP B 137 -5.20 5.12 -15.51
N PRO B 138 -5.09 3.79 -15.68
CA PRO B 138 -3.92 3.29 -16.42
C PRO B 138 -3.84 3.66 -17.89
N ASP B 139 -4.95 4.00 -18.56
CA ASP B 139 -4.87 4.53 -19.96
C ASP B 139 -4.15 5.89 -20.09
N ASP B 140 -4.12 6.67 -19.02
CA ASP B 140 -3.58 8.04 -19.10
C ASP B 140 -2.09 8.05 -19.43
N SER B 141 -1.35 7.04 -18.98
CA SER B 141 0.09 6.94 -19.32
C SER B 141 0.29 6.92 -20.82
N TYR B 142 -0.66 6.30 -21.52
CA TYR B 142 -0.57 6.09 -22.97
C TYR B 142 -0.90 7.33 -23.76
N TRP B 143 -1.97 8.04 -23.39
CA TRP B 143 -2.37 9.18 -24.21
C TRP B 143 -1.89 10.56 -23.71
N PHE B 144 -1.46 10.66 -22.46
CA PHE B 144 -0.93 11.92 -21.97
C PHE B 144 0.20 12.47 -22.80
N PRO B 145 1.13 11.60 -23.22
CA PRO B 145 2.22 12.20 -23.97
C PRO B 145 1.76 12.88 -25.24
N LEU B 146 0.74 12.30 -25.89
CA LEU B 146 0.13 12.91 -27.08
C LEU B 146 -0.49 14.26 -26.77
N LEU B 147 -1.24 14.33 -25.67
CA LEU B 147 -1.88 15.56 -25.23
C LEU B 147 -0.84 16.65 -25.02
N LEU B 148 0.28 16.29 -24.38
CA LEU B 148 1.31 17.25 -24.05
C LEU B 148 2.11 17.71 -25.26
N GLN B 149 2.18 16.89 -26.31
CA GLN B 149 2.75 17.32 -27.60
C GLN B 149 1.74 18.02 -28.52
N LYS B 150 0.55 18.32 -27.98
CA LYS B 150 -0.54 18.89 -28.77
C LYS B 150 -0.88 18.07 -30.00
N LYS B 151 -0.78 16.75 -29.89
CA LYS B 151 -1.21 15.86 -30.96
C LYS B 151 -2.59 15.29 -30.67
N LYS B 152 -3.59 15.64 -31.48
CA LYS B 152 -4.94 15.09 -31.31
C LYS B 152 -4.95 13.57 -31.54
N PHE B 153 -5.71 12.84 -30.74
CA PHE B 153 -5.65 11.38 -30.76
C PHE B 153 -7.01 10.72 -30.71
N CYS B 154 -7.08 9.50 -31.24
N CYS B 154 -7.10 9.52 -31.31
CA CYS B 154 -8.27 8.66 -31.24
CA CYS B 154 -8.29 8.67 -31.24
C CYS B 154 -7.85 7.30 -30.73
C CYS B 154 -7.84 7.31 -30.70
N GLY B 155 -8.67 6.69 -29.88
CA GLY B 155 -8.32 5.43 -29.25
C GLY B 155 -9.48 4.59 -28.75
N HIS B 156 -9.15 3.34 -28.43
CA HIS B 156 -10.09 2.42 -27.83
C HIS B 156 -9.30 1.60 -26.80
N PHE B 157 -9.88 1.47 -25.61
CA PHE B 157 -9.31 0.73 -24.50
C PHE B 157 -10.33 -0.29 -23.97
N LYS B 158 -9.92 -1.55 -23.89
CA LYS B 158 -10.71 -2.59 -23.26
C LYS B 158 -9.97 -2.98 -21.99
N PHE B 159 -10.67 -2.87 -20.85
CA PHE B 159 -10.10 -3.12 -19.54
C PHE B 159 -10.55 -4.46 -19.00
N GLN B 160 -9.63 -5.24 -18.43
CA GLN B 160 -10.02 -6.45 -17.70
C GLN B 160 -10.75 -6.02 -16.45
N ASP B 161 -10.16 -5.08 -15.73
CA ASP B 161 -10.79 -4.44 -14.59
C ASP B 161 -10.16 -3.05 -14.49
N GLN B 162 -10.42 -2.33 -13.40
CA GLN B 162 -10.02 -0.94 -13.30
C GLN B 162 -8.50 -0.69 -13.18
N ASP B 163 -7.72 -1.72 -12.88
CA ASP B 163 -6.25 -1.56 -12.77
C ASP B 163 -5.49 -2.07 -14.00
N THR B 164 -6.17 -2.77 -14.90
CA THR B 164 -5.50 -3.64 -15.86
C THR B 164 -6.11 -3.56 -17.25
N ILE B 165 -5.32 -3.04 -18.19
CA ILE B 165 -5.70 -2.96 -19.58
C ILE B 165 -5.53 -4.33 -20.24
N LEU B 166 -6.56 -4.81 -20.92
CA LEU B 166 -6.49 -6.03 -21.71
C LEU B 166 -5.97 -5.72 -23.12
N SER B 167 -6.60 -4.77 -23.79
CA SER B 167 -6.22 -4.39 -25.13
C SER B 167 -6.43 -2.90 -25.35
N TYR B 168 -5.68 -2.35 -26.31
CA TYR B 168 -5.93 -0.98 -26.75
C TYR B 168 -5.40 -0.70 -28.15
N SER B 169 -6.02 0.26 -28.82
CA SER B 169 -5.34 0.90 -29.92
C SER B 169 -5.47 2.40 -29.80
N LEU B 170 -4.50 3.11 -30.34
CA LEU B 170 -4.34 4.53 -30.14
C LEU B 170 -3.66 5.09 -31.43
N ARG B 171 -4.20 6.16 -31.99
CA ARG B 171 -3.55 6.82 -33.11
C ARG B 171 -3.73 8.33 -33.09
N GLU B 172 -3.00 9.02 -33.97
CA GLU B 172 -3.10 10.46 -34.14
C GLU B 172 -4.19 10.75 -35.16
N VAL B 173 -4.94 11.83 -34.95
CA VAL B 173 -5.80 12.40 -36.00
C VAL B 173 -5.48 13.89 -36.21
N ASP B 174 -5.72 14.39 -37.43
CA ASP B 174 -5.51 15.81 -37.74
C ASP B 174 -6.69 16.66 -37.28
N SER B 175 -7.88 16.04 -37.21
CA SER B 175 -9.09 16.73 -36.78
C SER B 175 -10.20 15.78 -36.30
N PHE B 176 -11.21 16.37 -35.66
CA PHE B 176 -12.43 15.66 -35.27
C PHE B 176 -13.60 16.13 -36.13
N THR C 23 35.17 -11.47 9.95
CA THR C 23 34.29 -11.12 11.10
C THR C 23 32.94 -11.80 10.91
N SER C 24 32.48 -12.45 11.98
CA SER C 24 31.39 -13.41 11.92
C SER C 24 30.44 -13.18 13.09
N ARG C 25 29.16 -13.36 12.88
CA ARG C 25 28.17 -13.16 13.93
C ARG C 25 27.18 -14.30 13.98
N LEU C 26 26.91 -14.77 15.21
CA LEU C 26 26.00 -15.88 15.44
C LEU C 26 24.55 -15.42 15.42
N TYR C 27 23.70 -16.18 14.74
CA TYR C 27 22.27 -15.96 14.70
C TYR C 27 21.53 -17.27 14.83
N THR C 28 20.30 -17.17 15.31
CA THR C 28 19.37 -18.29 15.43
C THR C 28 18.16 -18.13 14.50
N LEU C 29 17.62 -19.26 14.11
CA LEU C 29 16.37 -19.32 13.37
C LEU C 29 15.63 -20.56 13.86
N VAL C 30 14.36 -20.36 14.21
CA VAL C 30 13.53 -21.41 14.73
C VAL C 30 12.31 -21.58 13.80
N LEU C 31 12.10 -22.80 13.30
CA LEU C 31 10.93 -23.07 12.48
C LEU C 31 9.99 -23.98 13.24
N VAL C 32 8.84 -23.46 13.67
CA VAL C 32 7.85 -24.27 14.37
C VAL C 32 7.08 -25.00 13.28
N LEU C 33 7.36 -26.28 13.13
CA LEU C 33 7.00 -27.01 11.95
C LEU C 33 6.27 -28.24 12.35
N GLN C 34 5.00 -28.30 11.94
CA GLN C 34 4.11 -29.42 12.29
C GLN C 34 3.80 -30.25 11.04
N PRO C 35 3.05 -31.37 11.18
CA PRO C 35 2.97 -32.25 10.01
C PRO C 35 2.37 -31.60 8.76
N GLN C 36 1.44 -30.66 8.93
CA GLN C 36 0.80 -30.02 7.77
C GLN C 36 0.90 -28.50 7.71
N ARG C 37 1.63 -27.88 8.63
CA ARG C 37 1.76 -26.42 8.63
C ARG C 37 3.06 -25.95 9.29
N VAL C 38 3.41 -24.70 9.05
CA VAL C 38 4.58 -24.07 9.64
C VAL C 38 4.17 -22.71 10.12
N LEU C 39 4.73 -22.29 11.27
CA LEU C 39 4.48 -20.97 11.84
C LEU C 39 5.61 -20.06 11.39
N LEU C 40 5.25 -19.02 10.61
CA LEU C 40 6.18 -17.97 10.23
C LEU C 40 5.78 -16.67 10.87
N GLY C 41 6.71 -15.72 10.82
CA GLY C 41 6.49 -14.37 11.29
C GLY C 41 6.82 -13.37 10.16
N MET C 42 5.90 -12.41 9.97
CA MET C 42 6.15 -11.26 9.13
C MET C 42 7.03 -10.30 9.91
N LYS C 43 8.24 -10.10 9.40
CA LYS C 43 9.21 -9.24 10.03
C LYS C 43 8.75 -7.81 9.74
N LYS C 44 8.61 -7.03 10.81
CA LYS C 44 7.95 -5.72 10.74
C LYS C 44 8.95 -4.56 10.64
N ARG C 45 10.20 -4.83 10.97
CA ARG C 45 11.23 -3.79 10.99
C ARG C 45 12.60 -4.46 10.95
N GLY C 46 13.60 -3.73 10.50
CA GLY C 46 14.97 -4.18 10.56
C GLY C 46 15.36 -5.07 9.39
N PHE C 47 16.30 -5.96 9.66
CA PHE C 47 16.82 -6.86 8.65
C PHE C 47 15.74 -7.87 8.21
N GLY C 48 15.42 -7.86 6.92
CA GLY C 48 14.46 -8.79 6.35
C GLY C 48 13.02 -8.40 6.56
N ALA C 49 12.77 -7.13 6.86
CA ALA C 49 11.40 -6.61 7.03
C ALA C 49 10.75 -6.76 5.67
N GLY C 50 9.55 -7.32 5.55
CA GLY C 50 9.17 -7.69 4.17
C GLY C 50 8.11 -8.71 3.95
N ARG C 51 8.18 -9.93 4.49
N ARG C 51 8.18 -9.91 4.53
CA ARG C 51 9.28 -10.91 4.47
CA ARG C 51 9.22 -10.95 4.44
C ARG C 51 9.04 -11.88 5.63
C ARG C 51 9.04 -11.89 5.62
N TRP C 52 8.37 -12.99 5.31
CA TRP C 52 8.08 -14.05 6.25
C TRP C 52 9.34 -14.77 6.67
N ASN C 53 9.41 -15.14 7.95
CA ASN C 53 10.55 -15.87 8.45
C ASN C 53 10.27 -16.72 9.66
N GLY C 54 11.23 -17.60 9.97
CA GLY C 54 11.32 -18.19 11.27
C GLY C 54 11.64 -17.09 12.28
N PHE C 55 11.57 -17.43 13.56
CA PHE C 55 11.86 -16.50 14.61
C PHE C 55 13.27 -16.72 15.08
N GLY C 56 13.92 -15.64 15.43
CA GLY C 56 15.28 -15.71 15.93
C GLY C 56 15.90 -14.33 15.88
N GLY C 57 17.21 -14.30 15.95
CA GLY C 57 17.93 -13.07 16.14
C GLY C 57 19.34 -13.33 16.59
N LYS C 58 19.96 -12.30 17.13
CA LYS C 58 21.36 -12.35 17.53
C LYS C 58 21.56 -13.23 18.77
N VAL C 59 22.63 -14.02 18.73
CA VAL C 59 23.03 -14.78 19.88
C VAL C 59 23.90 -13.86 20.75
N GLN C 60 23.53 -13.77 22.02
CA GLN C 60 24.27 -12.96 23.00
C GLN C 60 25.48 -13.68 23.62
N GLU C 61 26.41 -12.85 24.06
CA GLU C 61 27.50 -13.27 24.93
C GLU C 61 26.88 -13.91 26.14
N GLY C 62 27.32 -15.10 26.53
CA GLY C 62 26.85 -15.74 27.78
C GLY C 62 25.55 -16.53 27.74
N GLU C 63 25.12 -16.93 26.54
CA GLU C 63 23.99 -17.87 26.39
C GLU C 63 24.38 -18.83 25.28
N THR C 64 23.98 -20.07 25.38
CA THR C 64 24.17 -21.00 24.28
C THR C 64 23.32 -20.53 23.09
N ILE C 65 23.68 -21.02 21.92
CA ILE C 65 22.93 -20.77 20.71
C ILE C 65 21.50 -21.29 20.92
N GLU C 66 21.38 -22.53 21.40
CA GLU C 66 20.07 -23.12 21.67
C GLU C 66 19.22 -22.26 22.61
N ASP C 67 19.83 -21.73 23.68
CA ASP C 67 19.14 -20.81 24.60
C ASP C 67 18.79 -19.48 23.93
N GLY C 68 19.69 -18.98 23.08
CA GLY C 68 19.36 -17.79 22.33
C GLY C 68 18.16 -17.96 21.39
N ALA C 69 18.07 -19.13 20.76
CA ALA C 69 16.92 -19.50 19.89
C ALA C 69 15.60 -19.52 20.66
N LYS C 70 15.60 -20.11 21.84
CA LYS C 70 14.39 -20.15 22.66
C LYS C 70 14.00 -18.76 23.14
N ARG C 71 14.99 -17.97 23.57
CA ARG C 71 14.74 -16.61 24.01
C ARG C 71 14.10 -15.79 22.91
N GLU C 72 14.63 -15.90 21.71
CA GLU C 72 14.13 -15.10 20.62
C GLU C 72 12.75 -15.57 20.22
N LEU C 73 12.49 -16.88 20.25
CA LEU C 73 11.14 -17.37 19.97
C LEU C 73 10.12 -16.77 20.95
N LEU C 74 10.45 -16.76 22.23
CA LEU C 74 9.55 -16.26 23.28
C LEU C 74 9.31 -14.79 23.05
N GLU C 75 10.38 -14.03 22.79
CA GLU C 75 10.27 -12.58 22.65
C GLU C 75 9.43 -12.21 21.43
N GLU C 76 9.65 -12.87 20.31
CA GLU C 76 9.01 -12.48 19.07
C GLU C 76 7.59 -13.02 18.88
N SER C 77 7.27 -14.14 19.53
CA SER C 77 6.02 -14.88 19.30
C SER C 77 5.20 -15.25 20.55
N GLY C 78 5.76 -15.02 21.73
CA GLY C 78 5.13 -15.42 22.96
C GLY C 78 5.08 -16.93 23.22
N LEU C 79 5.80 -17.72 22.42
CA LEU C 79 5.79 -19.17 22.56
C LEU C 79 7.02 -19.67 23.30
N SER C 80 6.79 -20.63 24.19
CA SER C 80 7.85 -21.39 24.88
C SER C 80 8.02 -22.74 24.22
N VAL C 81 9.26 -23.21 24.15
CA VAL C 81 9.54 -24.59 23.78
C VAL C 81 10.37 -25.27 24.83
N ASP C 82 10.18 -26.57 24.97
CA ASP C 82 11.05 -27.37 25.79
C ASP C 82 12.15 -27.92 24.92
N THR C 83 11.81 -28.37 23.72
CA THR C 83 12.81 -29.04 22.88
C THR C 83 12.97 -28.38 21.51
N LEU C 84 14.20 -28.02 21.19
CA LEU C 84 14.57 -27.61 19.85
C LEU C 84 15.34 -28.77 19.22
N HIS C 85 15.18 -28.96 17.92
CA HIS C 85 16.00 -29.88 17.16
C HIS C 85 16.90 -29.10 16.20
N LYS C 86 18.22 -29.33 16.27
CA LYS C 86 19.21 -28.76 15.35
C LYS C 86 18.95 -29.28 13.95
N VAL C 87 18.62 -28.45 12.99
CA VAL C 87 18.37 -28.97 11.63
C VAL C 87 19.28 -28.37 10.57
N GLY C 88 19.71 -27.15 10.75
CA GLY C 88 20.58 -26.51 9.78
C GLY C 88 21.62 -25.56 10.32
N HIS C 89 22.62 -25.32 9.49
CA HIS C 89 23.65 -24.33 9.71
C HIS C 89 24.00 -23.70 8.37
N ILE C 90 23.67 -22.42 8.21
CA ILE C 90 23.87 -21.74 6.96
C ILE C 90 24.53 -20.40 7.25
N SER C 91 25.59 -20.09 6.52
CA SER C 91 26.23 -18.79 6.66
C SER C 91 25.87 -17.94 5.45
N PHE C 92 25.76 -16.64 5.66
CA PHE C 92 25.36 -15.72 4.58
C PHE C 92 26.39 -14.61 4.43
N GLU C 93 26.66 -14.26 3.19
CA GLU C 93 27.57 -13.21 2.84
C GLU C 93 26.87 -12.26 1.90
N PHE C 94 27.13 -10.96 2.05
CA PHE C 94 26.55 -9.94 1.19
C PHE C 94 27.69 -9.16 0.58
N VAL C 95 27.69 -8.98 -0.73
CA VAL C 95 28.72 -8.19 -1.39
C VAL C 95 28.74 -6.81 -0.73
N GLY C 96 29.93 -6.34 -0.35
CA GLY C 96 30.08 -5.01 0.26
C GLY C 96 29.88 -4.93 1.77
N SER C 97 29.66 -6.07 2.43
CA SER C 97 29.58 -6.11 3.88
C SER C 97 30.67 -7.01 4.45
N PRO C 98 31.41 -6.52 5.45
CA PRO C 98 32.50 -7.32 6.04
C PRO C 98 32.01 -8.51 6.88
N GLU C 99 30.78 -8.46 7.37
CA GLU C 99 30.28 -9.46 8.32
C GLU C 99 29.52 -10.65 7.72
N LEU C 100 30.00 -11.84 8.06
CA LEU C 100 29.33 -13.11 7.73
C LEU C 100 28.25 -13.38 8.80
N MET C 101 27.03 -13.67 8.39
CA MET C 101 25.95 -14.01 9.31
C MET C 101 25.89 -15.52 9.44
N ASP C 102 26.20 -16.01 10.64
CA ASP C 102 26.36 -17.41 10.90
C ASP C 102 25.09 -17.93 11.56
N VAL C 103 24.21 -18.53 10.78
CA VAL C 103 22.86 -18.86 11.21
C VAL C 103 22.65 -20.32 11.60
N HIS C 104 22.26 -20.53 12.86
CA HIS C 104 21.90 -21.86 13.35
C HIS C 104 20.39 -22.05 13.38
N ILE C 105 19.93 -23.03 12.58
CA ILE C 105 18.52 -23.23 12.30
C ILE C 105 18.00 -24.43 13.07
N PHE C 106 16.94 -24.22 13.85
CA PHE C 106 16.32 -25.25 14.70
C PHE C 106 14.83 -25.41 14.31
N SER C 107 14.29 -26.61 14.48
CA SER C 107 12.85 -26.86 14.37
C SER C 107 12.28 -27.26 15.72
N ALA C 108 10.99 -26.99 15.87
CA ALA C 108 10.24 -27.43 17.02
C ALA C 108 8.92 -27.86 16.50
N ASP C 109 8.45 -29.01 16.91
CA ASP C 109 7.11 -29.37 16.53
C ASP C 109 6.13 -29.29 17.68
N HIS C 110 6.56 -28.77 18.82
CA HIS C 110 5.66 -28.67 19.99
C HIS C 110 5.98 -27.42 20.76
N VAL C 111 4.99 -26.53 20.88
CA VAL C 111 5.16 -25.23 21.51
C VAL C 111 4.07 -24.97 22.54
N HIS C 112 4.38 -24.14 23.53
CA HIS C 112 3.43 -23.78 24.58
C HIS C 112 3.11 -22.30 24.49
N GLY C 113 1.85 -21.97 24.61
CA GLY C 113 1.41 -20.60 24.60
C GLY C 113 0.70 -20.35 23.31
N THR C 114 0.23 -19.13 23.15
CA THR C 114 -0.51 -18.68 22.00
C THR C 114 0.37 -17.73 21.17
N PRO C 115 0.50 -17.98 19.85
CA PRO C 115 1.29 -17.11 19.02
C PRO C 115 0.75 -15.70 19.07
N THR C 116 1.62 -14.73 19.32
CA THR C 116 1.22 -13.37 19.62
C THR C 116 2.11 -12.41 18.87
N GLU C 117 1.47 -11.50 18.13
CA GLU C 117 2.20 -10.45 17.46
C GLU C 117 3.01 -9.69 18.48
N SER C 118 4.25 -9.39 18.10
CA SER C 118 5.17 -8.56 18.88
C SER C 118 5.56 -7.37 18.01
N GLU C 119 6.32 -6.44 18.57
CA GLU C 119 6.84 -5.31 17.81
C GLU C 119 7.64 -5.74 16.59
N GLU C 120 8.42 -6.81 16.75
CA GLU C 120 9.29 -7.30 15.70
C GLU C 120 8.57 -8.20 14.69
N MET C 121 7.66 -9.05 15.16
CA MET C 121 7.09 -10.09 14.31
C MET C 121 5.60 -10.25 14.47
N ARG C 122 4.91 -10.50 13.37
CA ARG C 122 3.51 -10.95 13.40
C ARG C 122 3.44 -12.42 12.97
N PRO C 123 3.24 -13.34 13.91
CA PRO C 123 3.12 -14.78 13.60
C PRO C 123 1.90 -15.13 12.75
N GLN C 124 2.04 -16.10 11.84
CA GLN C 124 0.91 -16.65 11.10
C GLN C 124 1.24 -18.03 10.61
N TRP C 125 0.27 -18.94 10.77
CA TRP C 125 0.38 -20.30 10.26
C TRP C 125 0.16 -20.38 8.77
N PHE C 126 0.91 -21.24 8.11
CA PHE C 126 0.75 -21.52 6.70
C PHE C 126 0.77 -23.03 6.48
N GLN C 127 -0.29 -23.57 5.87
CA GLN C 127 -0.30 -24.94 5.43
C GLN C 127 0.91 -25.09 4.53
N LEU C 128 1.60 -26.22 4.60
CA LEU C 128 2.91 -26.36 3.94
C LEU C 128 2.85 -26.12 2.45
N ASP C 129 1.79 -26.58 1.79
CA ASP C 129 1.67 -26.33 0.34
C ASP C 129 1.24 -24.91 -0.04
N GLN C 130 1.21 -24.00 0.93
CA GLN C 130 0.80 -22.63 0.70
C GLN C 130 1.81 -21.62 1.24
N ILE C 131 3.06 -22.06 1.49
CA ILE C 131 4.09 -21.17 1.96
C ILE C 131 4.36 -20.14 0.84
N PRO C 132 4.28 -18.84 1.14
CA PRO C 132 4.50 -17.88 0.07
C PRO C 132 6.00 -17.59 -0.14
N PHE C 133 6.67 -18.50 -0.84
CA PHE C 133 8.09 -18.40 -1.08
C PHE C 133 8.57 -17.12 -1.79
N ALA C 134 7.77 -16.50 -2.64
CA ALA C 134 8.12 -15.18 -3.18
C ALA C 134 8.31 -14.16 -2.09
N ASP C 135 7.67 -14.36 -0.95
CA ASP C 135 7.79 -13.41 0.16
C ASP C 135 8.65 -13.88 1.33
N LEU C 136 9.47 -14.90 1.10
CA LEU C 136 10.53 -15.28 2.07
C LEU C 136 11.88 -14.88 1.51
N TRP C 137 12.92 -14.84 2.33
CA TRP C 137 14.26 -14.75 1.78
C TRP C 137 14.40 -15.75 0.61
N PRO C 138 15.04 -15.35 -0.50
CA PRO C 138 15.17 -16.19 -1.70
C PRO C 138 15.86 -17.56 -1.49
N ASP C 139 16.84 -17.62 -0.58
CA ASP C 139 17.52 -18.87 -0.24
C ASP C 139 16.62 -19.93 0.40
N ASP C 140 15.52 -19.50 1.03
CA ASP C 140 14.63 -20.41 1.74
C ASP C 140 14.02 -21.51 0.84
N SER C 141 13.75 -21.22 -0.42
CA SER C 141 13.21 -22.27 -1.32
C SER C 141 14.24 -23.33 -1.66
N TYR C 142 15.52 -23.02 -1.46
CA TYR C 142 16.56 -24.01 -1.66
C TYR C 142 16.57 -25.05 -0.54
N TRP C 143 16.51 -24.58 0.70
CA TRP C 143 16.64 -25.50 1.83
C TRP C 143 15.33 -25.92 2.55
N PHE C 144 14.21 -25.27 2.25
CA PHE C 144 12.94 -25.69 2.84
C PHE C 144 12.63 -27.13 2.52
N PRO C 145 12.93 -27.58 1.30
CA PRO C 145 12.60 -28.98 1.03
C PRO C 145 13.35 -29.94 1.93
N LEU C 146 14.63 -29.68 2.17
CA LEU C 146 15.39 -30.50 3.11
C LEU C 146 14.77 -30.47 4.51
N LEU C 147 14.40 -29.27 4.98
CA LEU C 147 13.76 -29.10 6.27
C LEU C 147 12.46 -29.89 6.36
N LEU C 148 11.60 -29.75 5.37
CA LEU C 148 10.31 -30.46 5.33
C LEU C 148 10.49 -31.96 5.16
N GLN C 149 11.58 -32.41 4.56
CA GLN C 149 11.87 -33.84 4.56
C GLN C 149 12.56 -34.34 5.83
N LYS C 150 12.58 -33.52 6.88
CA LYS C 150 13.22 -33.88 8.15
C LYS C 150 14.71 -34.24 8.03
N LYS C 151 15.41 -33.58 7.11
CA LYS C 151 16.84 -33.79 6.93
C LYS C 151 17.67 -32.69 7.63
N LYS C 152 18.97 -32.93 7.79
CA LYS C 152 19.85 -31.92 8.34
C LYS C 152 20.69 -31.36 7.20
N PHE C 153 21.11 -30.11 7.30
CA PHE C 153 21.81 -29.49 6.20
C PHE C 153 22.81 -28.42 6.61
N CYS C 154 23.83 -28.26 5.78
N CYS C 154 23.90 -28.32 5.85
CA CYS C 154 24.86 -27.26 6.00
CA CYS C 154 24.90 -27.26 6.00
C CYS C 154 25.02 -26.50 4.69
C CYS C 154 24.96 -26.48 4.69
N GLY C 155 25.19 -25.18 4.76
CA GLY C 155 25.24 -24.37 3.58
C GLY C 155 25.79 -22.99 3.71
N HIS C 156 26.04 -22.37 2.57
CA HIS C 156 26.53 -21.03 2.48
C HIS C 156 25.89 -20.35 1.30
N PHE C 157 25.40 -19.13 1.48
CA PHE C 157 24.86 -18.36 0.36
C PHE C 157 25.54 -16.99 0.27
N LYS C 158 25.86 -16.58 -0.97
CA LYS C 158 26.45 -15.27 -1.25
C LYS C 158 25.48 -14.42 -2.04
N PHE C 159 25.09 -13.29 -1.47
CA PHE C 159 24.11 -12.41 -2.07
C PHE C 159 24.78 -11.17 -2.70
N GLN C 160 24.34 -10.82 -3.90
CA GLN C 160 24.67 -9.53 -4.51
C GLN C 160 23.92 -8.43 -3.79
N ASP C 161 22.63 -8.66 -3.61
CA ASP C 161 21.83 -7.81 -2.74
C ASP C 161 20.78 -8.70 -2.09
N GLN C 162 19.76 -8.11 -1.46
CA GLN C 162 18.78 -8.89 -0.70
C GLN C 162 17.79 -9.66 -1.57
N ASP C 163 17.78 -9.39 -2.88
CA ASP C 163 16.99 -10.14 -3.86
C ASP C 163 17.77 -11.16 -4.69
N THR C 164 19.08 -10.97 -4.83
CA THR C 164 19.85 -11.71 -5.82
C THR C 164 20.95 -12.58 -5.21
N ILE C 165 20.81 -13.90 -5.42
CA ILE C 165 21.82 -14.87 -5.00
C ILE C 165 22.89 -14.92 -6.09
N LEU C 166 24.15 -14.79 -5.72
CA LEU C 166 25.25 -14.97 -6.65
C LEU C 166 25.72 -16.42 -6.71
N SER C 167 25.80 -17.06 -5.54
CA SER C 167 26.30 -18.42 -5.47
C SER C 167 25.92 -19.08 -4.15
N TYR C 168 25.91 -20.39 -4.16
CA TYR C 168 25.40 -21.10 -3.02
C TYR C 168 25.98 -22.48 -2.91
N SER C 169 26.08 -22.94 -1.66
CA SER C 169 26.33 -24.33 -1.42
C SER C 169 25.35 -24.89 -0.37
N LEU C 170 24.87 -26.10 -0.63
CA LEU C 170 23.92 -26.77 0.23
C LEU C 170 24.10 -28.30 0.20
N ARG C 171 24.40 -28.89 1.37
CA ARG C 171 24.45 -30.32 1.45
C ARG C 171 23.76 -30.87 2.66
N GLU C 172 23.10 -32.00 2.46
CA GLU C 172 22.62 -32.81 3.55
C GLU C 172 23.79 -33.33 4.38
N VAL C 173 23.63 -33.30 5.71
CA VAL C 173 24.59 -33.86 6.66
C VAL C 173 23.86 -34.82 7.57
N ASP C 174 24.64 -35.65 8.25
CA ASP C 174 24.10 -36.61 9.23
C ASP C 174 24.13 -36.05 10.63
N SER C 175 25.07 -35.17 10.92
CA SER C 175 25.12 -34.48 12.20
C SER C 175 25.98 -33.23 12.08
N PHE C 176 25.97 -32.41 13.12
CA PHE C 176 26.83 -31.22 13.15
C PHE C 176 27.94 -31.48 14.15
N THR D 23 21.60 11.53 24.73
CA THR D 23 22.45 11.46 23.51
C THR D 23 21.67 11.98 22.30
N SER D 24 22.11 13.11 21.76
CA SER D 24 21.46 13.73 20.60
C SER D 24 22.26 13.46 19.34
N ARG D 25 21.57 13.32 18.21
CA ARG D 25 22.21 13.26 16.89
C ARG D 25 21.85 14.48 16.05
N LEU D 26 22.80 14.94 15.25
CA LEU D 26 22.54 16.05 14.34
C LEU D 26 21.86 15.59 13.04
N TYR D 27 20.85 16.34 12.63
CA TYR D 27 20.23 16.14 11.34
C TYR D 27 20.00 17.46 10.59
N THR D 28 19.84 17.35 9.26
CA THR D 28 19.55 18.46 8.38
C THR D 28 18.17 18.28 7.73
N LEU D 29 17.58 19.41 7.38
CA LEU D 29 16.35 19.44 6.66
C LEU D 29 16.39 20.65 5.75
N VAL D 30 16.11 20.42 4.48
CA VAL D 30 16.26 21.44 3.49
C VAL D 30 14.91 21.58 2.76
N LEU D 31 14.36 22.79 2.80
CA LEU D 31 13.08 23.06 2.15
C LEU D 31 13.30 23.98 0.97
N VAL D 32 13.12 23.49 -0.24
CA VAL D 32 13.33 24.35 -1.43
C VAL D 32 12.05 25.16 -1.62
N LEU D 33 12.08 26.43 -1.24
CA LEU D 33 10.84 27.16 -1.04
C LEU D 33 10.80 28.39 -1.91
N GLN D 34 9.91 28.38 -2.90
CA GLN D 34 9.77 29.50 -3.85
C GLN D 34 8.52 30.30 -3.48
N PRO D 35 8.32 31.46 -4.15
CA PRO D 35 7.22 32.32 -3.73
C PRO D 35 5.84 31.63 -3.73
N GLN D 36 5.57 30.74 -4.69
CA GLN D 36 4.28 30.07 -4.77
C GLN D 36 4.29 28.53 -4.63
N ARG D 37 5.44 27.94 -4.35
CA ARG D 37 5.52 26.49 -4.22
C ARG D 37 6.73 26.02 -3.44
N VAL D 38 6.67 24.75 -3.03
CA VAL D 38 7.67 24.09 -2.23
C VAL D 38 7.86 22.70 -2.79
N LEU D 39 9.11 22.26 -2.86
CA LEU D 39 9.49 20.94 -3.34
C LEU D 39 9.64 20.10 -2.13
N LEU D 40 8.85 19.02 -2.05
CA LEU D 40 8.99 18.02 -1.01
C LEU D 40 9.40 16.69 -1.62
N GLY D 41 9.76 15.73 -0.80
CA GLY D 41 9.99 14.39 -1.31
C GLY D 41 9.20 13.37 -0.52
N MET D 42 8.66 12.37 -1.24
CA MET D 42 8.01 11.26 -0.56
C MET D 42 9.12 10.36 -0.07
N LYS D 43 9.14 10.10 1.23
CA LYS D 43 10.18 9.28 1.82
C LYS D 43 9.78 7.83 1.59
N LYS D 44 10.63 7.10 0.88
CA LYS D 44 10.25 5.80 0.33
C LYS D 44 10.64 4.67 1.26
N ARG D 45 11.51 4.96 2.23
CA ARG D 45 11.99 3.93 3.16
C ARG D 45 12.53 4.58 4.42
N GLY D 46 12.57 3.83 5.51
CA GLY D 46 13.22 4.29 6.74
C GLY D 46 12.34 5.20 7.59
N PHE D 47 12.99 6.15 8.26
CA PHE D 47 12.32 7.00 9.21
C PHE D 47 11.44 8.02 8.47
N GLY D 48 10.15 8.02 8.78
CA GLY D 48 9.19 8.92 8.12
C GLY D 48 8.70 8.43 6.76
N ALA D 49 8.94 7.15 6.47
CA ALA D 49 8.51 6.53 5.21
C ALA D 49 7.02 6.72 4.99
N GLY D 50 6.61 7.12 3.78
CA GLY D 50 5.20 7.30 3.46
C GLY D 50 4.71 8.70 3.80
N ARG D 51 5.60 9.56 4.32
CA ARG D 51 5.28 10.98 4.58
C ARG D 51 6.11 11.90 3.68
N TRP D 52 5.52 13.02 3.24
CA TRP D 52 6.22 14.06 2.48
C TRP D 52 7.16 14.83 3.40
N ASN D 53 8.36 15.18 2.93
CA ASN D 53 9.29 15.93 3.78
C ASN D 53 10.25 16.77 2.96
N GLY D 54 10.97 17.66 3.65
CA GLY D 54 12.11 18.32 3.11
C GLY D 54 13.20 17.26 2.92
N PHE D 55 14.32 17.66 2.33
CA PHE D 55 15.39 16.71 2.05
C PHE D 55 16.48 16.88 3.10
N GLY D 56 17.03 15.77 3.56
CA GLY D 56 18.12 15.80 4.52
C GLY D 56 18.43 14.41 5.08
N GLY D 57 19.16 14.38 6.18
CA GLY D 57 19.56 13.13 6.80
C GLY D 57 20.55 13.38 7.91
N LYS D 58 21.32 12.35 8.25
CA LYS D 58 22.33 12.48 9.31
C LYS D 58 23.50 13.41 8.87
N VAL D 59 23.98 14.23 9.79
CA VAL D 59 25.20 14.95 9.62
C VAL D 59 26.36 14.02 10.02
N GLN D 60 27.34 13.92 9.14
CA GLN D 60 28.49 13.04 9.37
C GLN D 60 29.59 13.79 10.10
N GLU D 61 30.44 13.03 10.77
CA GLU D 61 31.77 13.51 11.24
C GLU D 61 32.54 14.11 10.07
N GLY D 62 33.19 15.27 10.26
CA GLY D 62 34.04 15.86 9.21
C GLY D 62 33.35 16.80 8.24
N GLU D 63 32.05 17.02 8.40
CA GLU D 63 31.35 17.99 7.54
C GLU D 63 30.60 18.98 8.42
N THR D 64 30.48 20.21 8.00
CA THR D 64 29.60 21.16 8.68
C THR D 64 28.14 20.73 8.49
N ILE D 65 27.25 21.27 9.31
CA ILE D 65 25.80 21.01 9.23
C ILE D 65 25.34 21.45 7.85
N GLU D 66 25.75 22.65 7.46
CA GLU D 66 25.38 23.21 6.17
C GLU D 66 25.85 22.36 4.97
N ASP D 67 27.07 21.82 5.02
CA ASP D 67 27.57 20.92 3.94
C ASP D 67 26.85 19.57 3.94
N GLY D 68 26.54 19.06 5.13
CA GLY D 68 25.67 17.89 5.26
C GLY D 68 24.28 18.05 4.61
N ALA D 69 23.70 19.22 4.76
CA ALA D 69 22.39 19.54 4.22
C ALA D 69 22.46 19.56 2.69
N LYS D 70 23.52 20.18 2.16
CA LYS D 70 23.76 20.22 0.74
C LYS D 70 24.02 18.85 0.15
N ARG D 71 24.85 18.06 0.83
CA ARG D 71 25.14 16.71 0.38
C ARG D 71 23.85 15.89 0.31
N GLU D 72 23.04 15.95 1.37
CA GLU D 72 21.78 15.22 1.44
C GLU D 72 20.76 15.70 0.39
N LEU D 73 20.70 16.99 0.11
CA LEU D 73 19.82 17.46 -0.94
C LEU D 73 20.23 16.88 -2.29
N LEU D 74 21.53 16.90 -2.57
CA LEU D 74 22.09 16.36 -3.83
C LEU D 74 21.79 14.87 -3.95
N GLU D 75 22.15 14.10 -2.93
CA GLU D 75 21.90 12.63 -2.94
C GLU D 75 20.43 12.27 -3.16
N GLU D 76 19.54 12.96 -2.43
CA GLU D 76 18.13 12.57 -2.43
C GLU D 76 17.31 13.13 -3.59
N SER D 77 17.70 14.29 -4.12
CA SER D 77 16.88 14.96 -5.16
C SER D 77 17.60 15.27 -6.48
N GLY D 78 18.93 15.18 -6.49
CA GLY D 78 19.69 15.52 -7.68
C GLY D 78 19.96 17.00 -7.84
N LEU D 79 19.67 17.79 -6.81
CA LEU D 79 19.73 19.25 -6.91
C LEU D 79 20.95 19.81 -6.19
N SER D 80 21.60 20.78 -6.80
CA SER D 80 22.73 21.48 -6.18
C SER D 80 22.27 22.86 -5.76
N VAL D 81 22.74 23.33 -4.58
CA VAL D 81 22.52 24.69 -4.12
C VAL D 81 23.85 25.36 -3.80
N ASP D 82 23.95 26.64 -4.13
CA ASP D 82 25.06 27.49 -3.71
C ASP D 82 24.74 28.08 -2.35
N THR D 83 23.48 28.48 -2.14
CA THR D 83 23.15 29.21 -0.93
C THR D 83 21.99 28.61 -0.14
N LEU D 84 22.28 28.21 1.10
CA LEU D 84 21.28 27.78 2.06
C LEU D 84 21.08 28.88 3.07
N HIS D 85 19.85 29.10 3.49
CA HIS D 85 19.54 30.03 4.57
C HIS D 85 19.08 29.22 5.77
N LYS D 86 19.76 29.41 6.91
CA LYS D 86 19.37 28.79 8.18
C LYS D 86 18.04 29.40 8.61
N VAL D 87 16.98 28.60 8.72
CA VAL D 87 15.70 29.11 9.16
C VAL D 87 15.15 28.49 10.44
N GLY D 88 15.57 27.27 10.76
CA GLY D 88 15.00 26.61 11.89
C GLY D 88 15.90 25.65 12.62
N HIS D 89 15.58 25.43 13.89
CA HIS D 89 16.27 24.48 14.73
C HIS D 89 15.22 23.81 15.62
N ILE D 90 15.00 22.51 15.44
CA ILE D 90 14.00 21.80 16.22
C ILE D 90 14.59 20.48 16.71
N SER D 91 14.40 20.16 18.00
CA SER D 91 14.78 18.84 18.52
C SER D 91 13.53 18.03 18.71
N PHE D 92 13.65 16.72 18.53
CA PHE D 92 12.53 15.81 18.62
C PHE D 92 12.89 14.70 19.59
N GLU D 93 11.94 14.33 20.42
CA GLU D 93 12.13 13.35 21.46
C GLU D 93 10.97 12.38 21.31
N PHE D 94 11.25 11.09 21.40
CA PHE D 94 10.22 10.05 21.30
C PHE D 94 10.22 9.19 22.53
N VAL D 95 9.03 9.01 23.11
CA VAL D 95 8.89 8.22 24.31
C VAL D 95 9.51 6.84 24.06
N GLY D 96 10.37 6.43 24.98
CA GLY D 96 10.97 5.09 24.95
C GLY D 96 12.19 5.02 24.08
N SER D 97 12.85 6.15 23.88
CA SER D 97 13.98 6.25 22.96
C SER D 97 15.03 7.20 23.55
N PRO D 98 16.25 6.69 23.83
CA PRO D 98 17.22 7.57 24.48
C PRO D 98 17.71 8.74 23.61
N GLU D 99 17.51 8.68 22.31
CA GLU D 99 18.19 9.59 21.36
C GLU D 99 17.34 10.80 20.94
N LEU D 100 17.90 12.00 21.16
CA LEU D 100 17.28 13.28 20.78
C LEU D 100 17.64 13.62 19.33
N MET D 101 16.65 13.87 18.48
CA MET D 101 16.96 14.24 17.09
C MET D 101 17.09 15.75 17.01
N ASP D 102 18.29 16.22 16.78
CA ASP D 102 18.62 17.64 16.77
C ASP D 102 18.63 18.14 15.31
N VAL D 103 17.52 18.71 14.86
CA VAL D 103 17.31 19.01 13.43
C VAL D 103 17.57 20.47 13.06
N HIS D 104 18.45 20.70 12.10
CA HIS D 104 18.76 22.03 11.58
C HIS D 104 18.16 22.21 10.20
N ILE D 105 17.33 23.25 10.07
CA ILE D 105 16.43 23.40 8.97
C ILE D 105 16.86 24.61 8.15
N PHE D 106 17.06 24.36 6.85
CA PHE D 106 17.50 25.36 5.91
C PHE D 106 16.46 25.52 4.80
N SER D 107 16.32 26.71 4.28
CA SER D 107 15.54 26.89 3.08
C SER D 107 16.48 27.32 1.97
N ALA D 108 16.02 27.15 0.76
CA ALA D 108 16.72 27.59 -0.44
C ALA D 108 15.64 28.02 -1.36
N ASP D 109 15.82 29.12 -2.06
CA ASP D 109 14.86 29.46 -3.09
C ASP D 109 15.46 29.37 -4.49
N HIS D 110 16.69 28.90 -4.59
CA HIS D 110 17.36 28.78 -5.88
C HIS D 110 18.19 27.52 -5.93
N VAL D 111 17.90 26.67 -6.90
CA VAL D 111 18.52 25.36 -6.99
C VAL D 111 18.96 25.08 -8.43
N HIS D 112 19.93 24.18 -8.60
CA HIS D 112 20.44 23.83 -9.93
C HIS D 112 20.24 22.34 -10.17
N GLY D 113 19.83 22.00 -11.38
CA GLY D 113 19.62 20.64 -11.80
C GLY D 113 18.14 20.35 -11.87
N THR D 114 17.80 19.10 -12.07
CA THR D 114 16.41 18.70 -12.22
C THR D 114 16.03 17.80 -11.06
N PRO D 115 14.88 18.04 -10.44
CA PRO D 115 14.45 17.18 -9.37
C PRO D 115 14.30 15.75 -9.87
N THR D 116 14.94 14.82 -9.18
CA THR D 116 15.15 13.46 -9.66
C THR D 116 14.92 12.48 -8.54
N GLU D 117 14.08 11.46 -8.81
CA GLU D 117 13.79 10.45 -7.83
C GLU D 117 15.07 9.66 -7.54
N SER D 118 15.38 9.52 -6.25
CA SER D 118 16.48 8.67 -5.75
C SER D 118 15.86 7.46 -5.07
N GLU D 119 16.69 6.60 -4.51
CA GLU D 119 16.19 5.45 -3.75
C GLU D 119 15.45 5.88 -2.48
N GLU D 120 15.93 6.93 -1.84
CA GLU D 120 15.29 7.45 -0.65
C GLU D 120 13.98 8.21 -0.93
N MET D 121 14.00 9.09 -1.92
CA MET D 121 12.99 10.14 -2.02
C MET D 121 12.44 10.29 -3.42
N ARG D 122 11.14 10.57 -3.50
CA ARG D 122 10.51 10.98 -4.77
C ARG D 122 10.13 12.46 -4.68
N PRO D 123 10.89 13.33 -5.35
CA PRO D 123 10.58 14.78 -5.32
C PRO D 123 9.28 15.10 -6.02
N GLN D 124 8.53 16.05 -5.48
CA GLN D 124 7.31 16.60 -6.10
C GLN D 124 7.07 18.05 -5.63
N TRP D 125 6.73 18.94 -6.57
CA TRP D 125 6.37 20.31 -6.25
C TRP D 125 4.95 20.40 -5.79
N PHE D 126 4.70 21.22 -4.77
CA PHE D 126 3.36 21.55 -4.32
C PHE D 126 3.14 23.07 -4.24
N GLN D 127 2.06 23.55 -4.84
CA GLN D 127 1.64 24.92 -4.59
C GLN D 127 1.44 25.07 -3.10
N LEU D 128 1.74 26.25 -2.56
CA LEU D 128 1.77 26.43 -1.08
C LEU D 128 0.44 26.11 -0.43
N ASP D 129 -0.65 26.56 -1.05
CA ASP D 129 -1.96 26.32 -0.50
C ASP D 129 -2.49 24.88 -0.71
N GLN D 130 -1.65 24.00 -1.26
CA GLN D 130 -2.04 22.62 -1.51
C GLN D 130 -1.08 21.63 -0.88
N ILE D 131 -0.32 22.06 0.11
CA ILE D 131 0.58 21.15 0.81
C ILE D 131 -0.27 20.12 1.56
N PRO D 132 -0.04 18.81 1.37
CA PRO D 132 -0.82 17.79 2.08
C PRO D 132 -0.37 17.54 3.52
N PHE D 133 -0.75 18.45 4.41
CA PHE D 133 -0.31 18.42 5.80
C PHE D 133 -0.68 17.16 6.57
N ALA D 134 -1.76 16.47 6.16
CA ALA D 134 -2.10 15.19 6.80
C ALA D 134 -1.07 14.13 6.48
N ASP D 135 -0.37 14.27 5.36
CA ASP D 135 0.70 13.34 4.99
C ASP D 135 2.12 13.90 5.25
N LEU D 136 2.23 14.92 6.09
CA LEU D 136 3.53 15.37 6.59
C LEU D 136 3.62 15.00 8.06
N TRP D 137 4.84 14.96 8.61
CA TRP D 137 4.97 14.76 10.05
C TRP D 137 4.01 15.72 10.73
N PRO D 138 3.36 15.29 11.81
CA PRO D 138 2.35 16.20 12.40
C PRO D 138 2.88 17.56 12.89
N ASP D 139 4.11 17.63 13.36
CA ASP D 139 4.64 18.90 13.82
C ASP D 139 4.80 19.95 12.72
N ASP D 140 4.88 19.54 11.45
CA ASP D 140 5.11 20.48 10.35
C ASP D 140 4.02 21.56 10.20
N SER D 141 2.76 21.22 10.47
CA SER D 141 1.68 22.24 10.41
C SER D 141 1.87 23.33 11.46
N TYR D 142 2.67 23.06 12.51
CA TYR D 142 2.95 24.07 13.52
C TYR D 142 4.00 25.10 13.10
N TRP D 143 5.02 24.66 12.38
CA TRP D 143 6.11 25.55 12.04
C TRP D 143 6.18 25.99 10.57
N PHE D 144 5.52 25.27 9.67
CA PHE D 144 5.44 25.71 8.28
C PHE D 144 4.93 27.14 8.14
N PRO D 145 3.92 27.54 8.96
CA PRO D 145 3.52 28.95 8.83
C PRO D 145 4.65 29.93 9.07
N LEU D 146 5.51 29.67 10.05
CA LEU D 146 6.65 30.55 10.29
C LEU D 146 7.61 30.53 9.10
N LEU D 147 7.91 29.33 8.62
CA LEU D 147 8.75 29.15 7.46
C LEU D 147 8.23 29.95 6.25
N LEU D 148 6.93 29.82 5.95
CA LEU D 148 6.36 30.50 4.80
C LEU D 148 6.36 32.02 5.00
N GLN D 149 6.39 32.49 6.24
CA GLN D 149 6.50 33.93 6.48
C GLN D 149 7.96 34.40 6.55
N LYS D 150 8.92 33.61 6.07
CA LYS D 150 10.35 34.00 6.16
C LYS D 150 10.84 34.38 7.56
N LYS D 151 10.26 33.76 8.58
CA LYS D 151 10.72 33.94 9.94
C LYS D 151 11.73 32.83 10.27
N LYS D 152 12.53 33.04 11.32
CA LYS D 152 13.33 31.95 11.86
C LYS D 152 12.70 31.48 13.15
N PHE D 153 12.98 30.25 13.54
CA PHE D 153 12.33 29.66 14.69
C PHE D 153 13.16 28.60 15.41
N CYS D 154 12.86 28.40 16.68
N CYS D 154 12.90 28.45 16.71
CA CYS D 154 13.49 27.40 17.52
CA CYS D 154 13.53 27.46 17.60
C CYS D 154 12.38 26.67 18.25
C CYS D 154 12.39 26.67 18.25
N GLY D 155 12.55 25.37 18.46
CA GLY D 155 11.50 24.56 19.05
C GLY D 155 11.86 23.14 19.45
N HIS D 156 10.90 22.47 20.05
CA HIS D 156 11.10 21.14 20.58
C HIS D 156 9.78 20.43 20.57
N PHE D 157 9.72 19.20 20.05
CA PHE D 157 8.50 18.40 20.07
C PHE D 157 8.76 17.08 20.75
N LYS D 158 7.85 16.67 21.63
CA LYS D 158 7.89 15.38 22.28
C LYS D 158 6.75 14.55 21.74
N PHE D 159 7.08 13.37 21.20
CA PHE D 159 6.10 12.50 20.57
C PHE D 159 5.86 11.28 21.45
N GLN D 160 4.61 10.87 21.57
CA GLN D 160 4.25 9.60 22.17
C GLN D 160 4.59 8.52 21.17
N ASP D 161 4.15 8.75 19.95
CA ASP D 161 4.49 7.88 18.84
C ASP D 161 4.60 8.76 17.60
N GLN D 162 4.72 8.15 16.43
CA GLN D 162 4.94 8.89 15.22
C GLN D 162 3.71 9.68 14.74
N ASP D 163 2.55 9.44 15.35
CA ASP D 163 1.35 10.21 15.05
C ASP D 163 0.92 11.21 16.11
N THR D 164 1.40 11.05 17.34
CA THR D 164 0.84 11.81 18.45
C THR D 164 1.87 12.68 19.18
N ILE D 165 1.62 13.98 19.17
CA ILE D 165 2.44 14.96 19.86
C ILE D 165 1.97 15.08 21.31
N LEU D 166 2.85 14.83 22.26
CA LEU D 166 2.50 15.03 23.68
C LEU D 166 2.62 16.49 24.08
N SER D 167 3.71 17.12 23.64
CA SER D 167 3.97 18.51 23.98
C SER D 167 4.99 19.15 23.03
N TYR D 168 4.98 20.47 22.95
CA TYR D 168 5.85 21.15 22.03
C TYR D 168 6.13 22.53 22.52
N SER D 169 7.27 23.06 22.10
CA SER D 169 7.50 24.47 22.20
C SER D 169 8.02 25.03 20.86
N LEU D 170 7.60 26.24 20.53
CA LEU D 170 7.98 26.85 19.27
C LEU D 170 8.00 28.34 19.38
N ARG D 171 9.11 28.95 19.02
CA ARG D 171 9.18 30.39 19.07
C ARG D 171 10.06 30.99 17.98
N GLU D 172 9.61 32.15 17.52
CA GLU D 172 10.30 32.90 16.52
C GLU D 172 11.54 33.41 17.15
N VAL D 173 12.64 33.40 16.43
CA VAL D 173 13.88 34.03 16.88
C VAL D 173 14.38 34.96 15.78
N ASP D 174 15.35 35.81 16.10
CA ASP D 174 16.00 36.63 15.06
C ASP D 174 17.38 36.09 14.65
N SER D 175 17.95 35.17 15.42
CA SER D 175 19.20 34.54 15.02
C SER D 175 19.45 33.25 15.79
N PHE D 176 20.49 32.52 15.38
CA PHE D 176 20.88 31.31 16.08
C PHE D 176 22.29 31.41 16.64
CU CU E . -22.76 -27.88 8.02
CU CU F . -18.30 -35.10 2.51
C1 PEG G . 0.43 -14.27 1.54
O1 PEG G . -0.02 -14.78 0.27
C2 PEG G . -0.40 -14.93 2.62
O2 PEG G . -0.31 -14.36 3.92
C3 PEG G . -1.29 -13.38 4.27
C4 PEG G . -0.58 -12.10 4.67
O4 PEG G . -0.88 -11.73 6.03
PG 8DG H . -19.20 -13.56 -11.67
O1G 8DG H . -20.53 -14.05 -11.28
O2G 8DG H . -18.03 -14.38 -11.40
O3G 8DG H . -19.11 -12.58 -12.77
O3B 8DG H . -18.97 -12.48 -10.55
PB 8DG H . -17.50 -12.37 -9.92
O1B 8DG H . -16.72 -11.42 -10.76
O2B 8DG H . -16.95 -13.72 -9.57
O3A 8DG H . -17.84 -11.70 -8.53
PA 8DG H . -17.66 -10.18 -8.18
O1A 8DG H . -18.29 -9.26 -9.15
O2A 8DG H . -16.25 -10.01 -7.82
O5' 8DG H . -18.59 -10.17 -6.88
C5' 8DG H . -18.29 -9.36 -5.74
C4' 8DG H . -17.92 -10.30 -4.59
O4' 8DG H . -17.51 -9.54 -3.39
C3' 8DG H . -19.15 -11.16 -4.18
O3' 8DG H . -18.67 -12.44 -3.68
C2' 8DG H . -19.77 -10.29 -3.12
C1' 8DG H . -18.50 -9.82 -2.37
N9 8DG H . -18.49 -8.48 -1.71
C8 8DG H . -18.86 -7.27 -2.12
N7 8DG H . -18.59 -6.34 -1.17
C5 8DG H . -18.03 -7.01 -0.16
C6 8DG H . -17.58 -6.61 1.03
O6 8DG H . -17.62 -5.44 1.39
N1 8DG H . -17.03 -7.57 1.91
C2 8DG H . -16.97 -8.90 1.53
N2 8DG H . -16.44 -9.84 2.32
N3 8DG H . -17.44 -9.22 0.33
C4 8DG H . -17.97 -8.31 -0.50
O8 8DG H . -19.41 -7.06 -3.34
CU CU I . -6.20 27.80 -25.83
C1 GOL J . 4.90 23.93 -9.90
O1 GOL J . 5.26 23.21 -11.08
C2 GOL J . 3.46 23.71 -9.64
O2 GOL J . 3.37 22.49 -8.96
C3 GOL J . 2.95 24.81 -8.77
O3 GOL J . 1.64 24.44 -8.40
PG 8DG K . -22.20 13.62 -13.37
O1G 8DG K . -22.67 14.02 -14.71
O2G 8DG K . -21.18 14.44 -12.71
O3G 8DG K . -23.10 12.80 -12.52
O3B 8DG K . -21.33 12.38 -13.88
PB 8DG K . -20.23 11.74 -12.92
O1B 8DG K . -20.87 11.24 -11.69
O2B 8DG K . -19.08 12.68 -12.80
O3A 8DG K . -19.81 10.50 -13.86
PA 8DG K . -18.34 9.93 -13.68
O1A 8DG K . -18.44 8.62 -12.99
O2A 8DG K . -17.48 10.98 -13.10
O5' 8DG K . -17.81 9.70 -15.18
C5' 8DG K . -16.51 9.13 -15.44
C4' 8DG K . -15.42 10.21 -15.61
O4' 8DG K . -14.05 9.64 -15.53
C3' 8DG K . -15.51 10.95 -16.98
O3' 8DG K . -14.92 12.23 -16.84
C2' 8DG K . -14.64 10.14 -17.88
C1' 8DG K . -13.49 9.79 -16.88
N9 8DG K . -12.86 8.51 -17.18
C8 8DG K . -13.42 7.31 -17.26
N7 8DG K . -12.49 6.39 -17.53
C5 8DG K . -11.33 7.04 -17.63
C6 8DG K . -10.11 6.62 -17.88
O6 8DG K . -9.91 5.42 -18.08
N1 8DG K . -9.05 7.55 -17.91
C2 8DG K . -9.33 8.89 -17.68
N2 8DG K . -8.36 9.79 -17.69
N3 8DG K . -10.58 9.26 -17.41
C4 8DG K . -11.57 8.35 -17.40
O8 8DG K . -14.74 7.05 -17.08
CU CU L . 7.95 -34.24 18.01
PG 8DG M . 17.77 -9.30 18.27
O1G 8DG M . 18.68 -9.93 17.29
O2G 8DG M . 17.17 -10.11 19.37
O3G 8DG M . 17.90 -7.86 18.47
O3B 8DG M . 16.57 -9.43 17.19
PB 8DG M . 17.27 -9.15 15.83
O1B 8DG M . 16.91 -7.78 15.39
O2B 8DG M . 18.68 -9.47 16.14
O3A 8DG M . 16.84 -10.17 14.65
PA 8DG M . 17.81 -9.95 13.34
O1A 8DG M . 19.07 -9.35 13.79
O2A 8DG M . 17.11 -9.25 12.26
O5' 8DG M . 18.29 -11.40 12.87
C5' 8DG M . 18.30 -11.83 11.50
C4' 8DG M . 17.34 -13.03 11.38
O4' 8DG M . 17.20 -13.44 9.99
C3' 8DG M . 17.88 -14.26 12.16
O3' 8DG M . 16.71 -14.99 12.70
C2' 8DG M . 18.59 -15.02 11.07
C1' 8DG M . 17.62 -14.83 9.90
N9 8DG M . 18.14 -14.86 8.51
C8 8DG M . 19.15 -14.20 7.95
N7 8DG M . 19.25 -14.49 6.64
C5 8DG M . 18.26 -15.35 6.39
C6 8DG M . 17.91 -15.96 5.26
O6 8DG M . 18.54 -15.78 4.22
N1 8DG M . 16.81 -16.82 5.27
C2 8DG M . 16.12 -17.05 6.43
N2 8DG M . 15.07 -17.86 6.48
N3 8DG M . 16.52 -16.40 7.52
C4 8DG M . 17.58 -15.57 7.52
O8 8DG M . 19.98 -13.36 8.61
C1 PEG N . 0.95 12.40 -5.33
O1 PEG N . 2.25 11.76 -5.30
C2 PEG N . 0.91 13.82 -4.75
O2 PEG N . -0.24 13.94 -3.94
C3 PEG N . -0.23 14.90 -2.89
C4 PEG N . -1.34 14.55 -1.89
O4 PEG N . -2.60 15.18 -2.22
PG 8DG O . 21.64 9.46 6.01
O1G 8DG O . 21.15 9.70 4.64
O2G 8DG O . 22.48 10.51 6.59
O3G 8DG O . 21.78 8.07 6.51
O3B 8DG O . 20.29 9.77 6.87
PB 8DG O . 18.94 9.45 6.12
O1B 8DG O . 19.07 9.95 4.73
O2B 8DG O . 18.57 8.04 6.41
O3A 8DG O . 17.80 10.40 6.72
PA 8DG O . 17.10 10.09 8.09
O1A 8DG O . 15.80 9.43 7.88
O2A 8DG O . 18.11 9.41 8.93
O5' 8DG O . 16.84 11.58 8.65
C5' 8DG O . 15.55 11.95 9.16
C4' 8DG O . 15.03 13.18 8.40
O4' 8DG O . 13.77 13.62 8.96
C3' 8DG O . 15.98 14.37 8.53
O3' 8DG O . 15.79 15.15 7.32
C2' 8DG O . 15.44 15.06 9.79
C1' 8DG O . 13.92 14.95 9.49
N9 8DG O . 12.89 14.92 10.60
C8 8DG O . 12.82 14.25 11.76
N7 8DG O . 11.66 14.51 12.39
C5 8DG O . 11.00 15.35 11.59
C6 8DG O . 9.81 15.93 11.72
O6 8DG O . 9.14 15.71 12.72
N1 8DG O . 9.35 16.80 10.71
C2 8DG O . 10.13 17.02 9.59
N2 8DG O . 9.74 17.83 8.60
N3 8DG O . 11.32 16.41 9.53
C4 8DG O . 11.76 15.60 10.51
O8 8DG O . 13.78 13.42 12.24
#